data_9I95
#
_entry.id   9I95
#
_cell.length_a   1.00
_cell.length_b   1.00
_cell.length_c   1.00
_cell.angle_alpha   90.00
_cell.angle_beta   90.00
_cell.angle_gamma   90.00
#
_symmetry.space_group_name_H-M   'P 1'
#
loop_
_entity.id
_entity.type
_entity.pdbx_description
1 polymer 'LPS-assembly protein LptD'
2 polymer 'LPS-assembly lipoprotein LptE'
3 polymer 'Bicycle Peptide Binder - Compound 4'
4 non-polymer DODECYL-BETA-D-MALTOSIDE
5 non-polymer 1-[7,10-bis(2-chloranylethanoyl)-3,7,10-triazatricyclo[3.3.3.0^{1,5}]undecan-3-yl]-2-chloranyl-ethanone
#
loop_
_entity_poly.entity_id
_entity_poly.type
_entity_poly.pdbx_seq_one_letter_code
_entity_poly.pdbx_strand_id
1 'polypeptide(L)'
;ADLASQCMLGVPSYDRPLVQGDTNDLPVTINADHAKGDYPDDAVFTGSVDIMQGNSRLQADEVQLHQKEAPGQPEPVRTV
DALGNVHYDDNQVILKGPKGWANLNTKDTNVWEGDYQMVGRQGRGKADLMKQRGENRYTILDNGSFTSCLPGSDTWSVVG
SEIIHDREEQVAEIWNARFKVGPVPIFYSPYLQLPVGDKRRSGFLIPNAKYTTTNYFEFYLPYYWNIAPNMDATITPHYM
HRRGNIMWENEFRYLSQAGAGLMELDYLPSDKVYEDEHPNDDSSRRWLFYWNHSGVMDQVWRFNVDYTKVSDPSYFNDFD
NKYGSSTDGYATQKFSVGYAVQNFNATVSTKQFQVFSEQNTSSYSAEPQLDVNYYQNDVGPFDTRIYGQAVHFVNTRDDM
PEATRVHLEPTINLPLSNNWGSINTEAKFLATHYQQTNLDWYNSRNTTKLDESVNRVMPQFKVDGKMVFERDMEMLAPGY
TQTLEPRAQYLYVPYRDQSDIYNYDSSLLQSDYSGLFRDRTYGGLDRIASANQVTTGVTSRIYDDAAVERFNISVGQIYY
FTESRTGDDNITWENDDKTGSLVWAGDTYWRISERWGLRGGIQYDTRLDNVATSNSSIEYRRDEDRLVQLNYHYASPEYI
QATLPKYYSTAEQYKNGISQVGAVASRPIADRWSIVGAYYYDTNANKQADSMLGVQYSSCCYAIRVGYERKLNGWDNDKQ
HAVYDNAIGFNIELRGLSSNYGLGTQEMLRSNILPYQNTL
;
A
2 'polypeptide(L)'
;CGWHLRDTTQVPSTMKVMILDSGDPNGPLSRAVRNQLRLNGVELLDKETTRKDVPSLRLGKVSIAKDTASVFRNGQTAEY
QMIMTVNATVLIPGRDIYPISAKVFRSFFDNPQMALAKDNEQDMIVKEMYDRAAEQLIRKLPSIRAADIRSDEEQTSTTT
DTPATPARVSTMLGNHHHHHH
;
B
3 'polypeptide(L)' ACDPWWQFNWCDQDHCA(NH2) C
#
loop_
_chem_comp.id
_chem_comp.type
_chem_comp.name
_chem_comp.formula
A1I1E non-polymer 1-[7,10-bis(2-chloranylethanoyl)-3,7,10-triazatricyclo[3.3.3.0^{1,5}]undecan-3-yl]-2-chloranyl-ethanone 'C14 H18 Cl3 N3 O3'
LMT D-saccharide DODECYL-BETA-D-MALTOSIDE 'C24 H46 O11'
NH2 non-polymer 'AMINO GROUP' 'H2 N'
#
# COMPACT_ATOMS: atom_id res chain seq x y z
N LEU A 192 -34.76 13.60 -22.07
CA LEU A 192 -33.43 13.10 -22.39
C LEU A 192 -32.42 14.25 -22.45
N GLN A 193 -32.85 15.44 -22.02
CA GLN A 193 -32.05 16.64 -22.08
C GLN A 193 -31.54 16.97 -20.68
N LEU A 194 -30.24 16.81 -20.49
CA LEU A 194 -29.52 17.12 -19.25
C LEU A 194 -30.11 16.42 -18.03
N PRO A 195 -30.07 15.08 -17.94
CA PRO A 195 -30.41 14.42 -16.67
C PRO A 195 -29.26 14.48 -15.68
N VAL A 196 -29.42 13.81 -14.54
CA VAL A 196 -28.38 13.69 -13.53
C VAL A 196 -27.70 12.33 -13.71
N GLY A 197 -26.38 12.34 -13.70
CA GLY A 197 -25.62 11.14 -14.00
C GLY A 197 -25.56 10.09 -12.93
N ASP A 198 -26.23 10.29 -11.79
CA ASP A 198 -26.16 9.29 -10.73
C ASP A 198 -27.16 8.17 -10.95
N LYS A 199 -28.46 8.48 -10.90
CA LYS A 199 -29.48 7.46 -11.10
C LYS A 199 -30.70 7.96 -11.87
N ARG A 200 -30.58 9.10 -12.57
CA ARG A 200 -31.73 9.65 -13.28
C ARG A 200 -31.96 8.88 -14.58
N ARG A 201 -33.11 9.13 -15.21
CA ARG A 201 -33.44 8.50 -16.48
C ARG A 201 -32.37 8.81 -17.52
N SER A 202 -32.23 7.90 -18.49
CA SER A 202 -31.17 8.00 -19.47
C SER A 202 -31.30 9.28 -20.30
N GLY A 203 -30.16 9.87 -20.64
CA GLY A 203 -30.15 11.08 -21.43
C GLY A 203 -28.74 11.61 -21.56
N PHE A 204 -28.62 12.78 -22.19
CA PHE A 204 -27.34 13.41 -22.44
C PHE A 204 -26.94 14.27 -21.25
N LEU A 205 -25.75 14.03 -20.72
CA LEU A 205 -25.22 14.87 -19.66
C LEU A 205 -24.67 16.17 -20.26
N ILE A 206 -24.20 17.06 -19.39
CA ILE A 206 -23.64 18.34 -19.81
C ILE A 206 -22.28 18.08 -20.45
N PRO A 207 -22.07 18.50 -21.69
CA PRO A 207 -20.76 18.32 -22.32
C PRO A 207 -19.71 19.20 -21.64
N ASN A 208 -18.47 18.73 -21.62
CA ASN A 208 -17.42 19.45 -20.93
C ASN A 208 -16.18 19.52 -21.81
N ALA A 209 -15.49 20.66 -21.76
CA ALA A 209 -14.36 20.92 -22.64
C ALA A 209 -13.08 21.16 -21.86
N LYS A 210 -11.97 21.02 -22.56
CA LYS A 210 -10.66 21.30 -21.99
C LYS A 210 -9.67 21.59 -23.11
N TYR A 211 -8.56 22.21 -22.73
CA TYR A 211 -7.45 22.49 -23.63
C TYR A 211 -6.18 21.94 -23.00
N THR A 212 -5.51 21.04 -23.71
CA THR A 212 -4.26 20.46 -23.26
C THR A 212 -3.19 20.68 -24.32
N THR A 213 -1.93 20.57 -23.91
CA THR A 213 -0.82 20.66 -24.85
C THR A 213 -0.60 19.38 -25.63
N THR A 214 -1.20 18.26 -25.21
CA THR A 214 -1.03 16.99 -25.89
C THR A 214 -2.13 16.74 -26.92
N ASN A 215 -3.31 17.33 -26.73
CA ASN A 215 -4.43 17.09 -27.62
C ASN A 215 -5.09 18.37 -28.12
N TYR A 216 -4.58 19.53 -27.75
CA TYR A 216 -5.14 20.83 -28.11
C TYR A 216 -6.55 20.90 -27.53
N PHE A 217 -7.59 21.18 -28.31
CA PHE A 217 -8.93 21.30 -27.80
C PHE A 217 -9.60 19.92 -27.76
N GLU A 218 -10.15 19.56 -26.59
CA GLU A 218 -10.88 18.32 -26.41
C GLU A 218 -12.26 18.65 -25.87
N PHE A 219 -13.26 17.90 -26.31
CA PHE A 219 -14.58 18.07 -25.72
C PHE A 219 -15.31 16.74 -25.62
N TYR A 220 -15.98 16.54 -24.50
CA TYR A 220 -16.67 15.31 -24.16
C TYR A 220 -18.18 15.54 -24.20
N LEU A 221 -18.91 14.62 -24.83
CA LEU A 221 -20.36 14.68 -24.91
C LEU A 221 -20.93 13.38 -24.36
N PRO A 222 -21.09 13.27 -23.05
CA PRO A 222 -21.50 12.00 -22.45
C PRO A 222 -23.01 11.78 -22.52
N TYR A 223 -23.37 10.50 -22.64
CA TYR A 223 -24.76 10.06 -22.59
C TYR A 223 -24.88 8.98 -21.53
N TYR A 224 -25.76 9.19 -20.57
CA TYR A 224 -25.99 8.25 -19.48
C TYR A 224 -27.16 7.34 -19.83
N TRP A 225 -27.02 6.06 -19.48
CA TRP A 225 -28.03 5.05 -19.80
C TRP A 225 -28.26 4.19 -18.56
N ASN A 226 -29.41 4.35 -17.93
CA ASN A 226 -29.77 3.57 -16.74
C ASN A 226 -30.42 2.28 -17.20
N ILE A 227 -29.63 1.21 -17.32
CA ILE A 227 -30.13 -0.01 -17.93
C ILE A 227 -31.18 -0.66 -17.03
N ALA A 228 -30.93 -0.67 -15.73
CA ALA A 228 -31.75 -1.34 -14.74
C ALA A 228 -31.23 -0.89 -13.38
N PRO A 229 -31.94 -1.16 -12.28
CA PRO A 229 -31.33 -0.91 -10.97
C PRO A 229 -30.06 -1.75 -10.82
N ASN A 230 -29.03 -1.13 -10.25
CA ASN A 230 -27.69 -1.71 -10.11
C ASN A 230 -27.02 -1.99 -11.46
N MET A 231 -27.39 -1.24 -12.51
CA MET A 231 -26.76 -1.41 -13.81
C MET A 231 -26.90 -0.12 -14.59
N ASP A 232 -25.78 0.58 -14.81
CA ASP A 232 -25.82 1.78 -15.63
C ASP A 232 -24.58 1.85 -16.52
N ALA A 233 -24.67 2.66 -17.55
CA ALA A 233 -23.60 2.81 -18.53
C ALA A 233 -23.49 4.27 -18.94
N THR A 234 -22.34 4.61 -19.49
CA THR A 234 -22.07 5.96 -19.98
C THR A 234 -21.28 5.85 -21.27
N ILE A 235 -21.81 6.43 -22.34
CA ILE A 235 -21.15 6.45 -23.64
C ILE A 235 -20.72 7.89 -23.92
N THR A 236 -19.41 8.11 -23.98
CA THR A 236 -18.85 9.45 -24.14
C THR A 236 -18.07 9.55 -25.44
N PRO A 237 -18.61 10.18 -26.47
CA PRO A 237 -17.74 10.68 -27.55
C PRO A 237 -16.81 11.76 -27.01
N HIS A 238 -15.52 11.58 -27.24
CA HIS A 238 -14.48 12.49 -26.78
C HIS A 238 -13.73 12.96 -28.01
N TYR A 239 -14.07 14.14 -28.51
CA TYR A 239 -13.38 14.67 -29.68
C TYR A 239 -12.06 15.30 -29.27
N MET A 240 -11.00 14.90 -29.97
CA MET A 240 -9.66 15.45 -29.79
C MET A 240 -9.20 16.06 -31.11
N HIS A 241 -8.78 17.32 -31.06
CA HIS A 241 -8.51 18.08 -32.27
C HIS A 241 -7.12 17.83 -32.82
N ARG A 242 -6.11 17.80 -31.95
CA ARG A 242 -4.74 17.56 -32.41
C ARG A 242 -4.64 16.18 -33.07
N ARG A 243 -5.26 15.17 -32.48
CA ARG A 243 -5.37 13.87 -33.11
C ARG A 243 -6.48 13.80 -34.13
N GLY A 244 -7.34 14.82 -34.18
CA GLY A 244 -8.34 14.95 -35.22
C GLY A 244 -9.30 13.79 -35.33
N ASN A 245 -9.82 13.32 -34.21
CA ASN A 245 -10.71 12.16 -34.25
C ASN A 245 -11.57 12.15 -32.99
N ILE A 246 -12.34 11.08 -32.83
CA ILE A 246 -13.22 10.88 -31.68
C ILE A 246 -12.85 9.57 -31.01
N MET A 247 -12.57 9.63 -29.72
CA MET A 247 -12.40 8.43 -28.92
C MET A 247 -13.71 8.11 -28.23
N TRP A 248 -14.17 6.87 -28.39
CA TRP A 248 -15.40 6.43 -27.76
C TRP A 248 -15.06 5.79 -26.42
N GLU A 249 -15.59 6.37 -25.34
CA GLU A 249 -15.40 5.84 -24.00
C GLU A 249 -16.71 5.19 -23.55
N ASN A 250 -16.61 3.97 -23.05
CA ASN A 250 -17.78 3.22 -22.61
C ASN A 250 -17.53 2.77 -21.18
N GLU A 251 -18.31 3.32 -20.24
CA GLU A 251 -18.24 2.96 -18.83
C GLU A 251 -19.48 2.14 -18.49
N PHE A 252 -19.29 1.11 -17.67
CA PHE A 252 -20.39 0.21 -17.30
C PHE A 252 -20.22 -0.16 -15.84
N ARG A 253 -21.13 0.31 -14.99
CA ARG A 253 -21.11 0.01 -13.58
C ARG A 253 -22.24 -0.95 -13.23
N TYR A 254 -21.92 -1.97 -12.43
CA TYR A 254 -22.88 -2.99 -12.06
C TYR A 254 -22.68 -3.39 -10.61
N LEU A 255 -23.76 -3.86 -10.00
CA LEU A 255 -23.74 -4.44 -8.67
C LEU A 255 -24.52 -5.74 -8.69
N SER A 256 -23.95 -6.79 -8.11
CA SER A 256 -24.58 -8.10 -8.08
C SER A 256 -24.23 -8.77 -6.77
N GLN A 257 -24.80 -9.96 -6.56
CA GLN A 257 -24.50 -10.72 -5.34
C GLN A 257 -23.04 -11.10 -5.27
N ALA A 258 -22.35 -11.14 -6.41
CA ALA A 258 -20.92 -11.43 -6.42
C ALA A 258 -20.08 -10.22 -6.06
N GLY A 259 -20.67 -9.02 -6.07
CA GLY A 259 -19.95 -7.82 -5.68
C GLY A 259 -20.23 -6.69 -6.63
N ALA A 260 -19.45 -5.62 -6.48
CA ALA A 260 -19.59 -4.42 -7.29
C ALA A 260 -18.46 -4.35 -8.31
N GLY A 261 -18.80 -3.98 -9.54
CA GLY A 261 -17.82 -3.97 -10.61
C GLY A 261 -18.01 -2.79 -11.54
N LEU A 262 -16.92 -2.46 -12.22
CA LEU A 262 -16.86 -1.32 -13.13
C LEU A 262 -15.95 -1.68 -14.30
N MET A 263 -16.48 -1.54 -15.52
CA MET A 263 -15.74 -1.79 -16.74
C MET A 263 -15.60 -0.50 -17.54
N GLU A 264 -14.45 -0.35 -18.19
CA GLU A 264 -14.17 0.81 -19.02
C GLU A 264 -13.55 0.33 -20.33
N LEU A 265 -14.01 0.88 -21.45
CA LEU A 265 -13.49 0.53 -22.76
C LEU A 265 -13.36 1.81 -23.57
N ASP A 266 -12.13 2.24 -23.82
CA ASP A 266 -11.87 3.42 -24.64
C ASP A 266 -11.26 2.98 -25.96
N TYR A 267 -11.82 3.47 -27.06
CA TYR A 267 -11.37 3.09 -28.39
C TYR A 267 -11.20 4.32 -29.26
N LEU A 268 -10.01 4.49 -29.83
CA LEU A 268 -9.71 5.54 -30.80
C LEU A 268 -9.28 4.89 -32.09
N PRO A 269 -10.12 4.89 -33.13
CA PRO A 269 -9.79 4.13 -34.35
C PRO A 269 -8.52 4.58 -35.05
N SER A 270 -8.17 5.86 -34.99
CA SER A 270 -6.99 6.36 -35.68
C SER A 270 -6.38 7.50 -34.88
N ASP A 271 -5.08 7.72 -35.11
CA ASP A 271 -4.34 8.71 -34.36
C ASP A 271 -3.29 9.33 -35.28
N LYS A 272 -3.48 10.60 -35.65
CA LYS A 272 -2.53 11.26 -36.53
C LYS A 272 -1.17 11.44 -35.86
N VAL A 273 -1.17 11.82 -34.58
CA VAL A 273 0.09 12.02 -33.87
C VAL A 273 0.85 10.71 -33.74
N TYR A 274 0.16 9.64 -33.33
CA TYR A 274 0.80 8.34 -33.21
C TYR A 274 1.28 7.82 -34.56
N GLU A 275 0.48 8.05 -35.60
CA GLU A 275 0.88 7.61 -36.94
C GLU A 275 2.12 8.36 -37.42
N ASP A 276 2.20 9.67 -37.14
CA ASP A 276 3.39 10.42 -37.48
C ASP A 276 4.60 9.95 -36.70
N GLU A 277 4.42 9.65 -35.41
CA GLU A 277 5.53 9.16 -34.60
C GLU A 277 5.89 7.72 -34.92
N HIS A 278 4.92 6.94 -35.41
CA HIS A 278 5.13 5.53 -35.74
C HIS A 278 4.60 5.27 -37.15
N PRO A 279 5.33 5.72 -38.18
CA PRO A 279 4.82 5.59 -39.55
C PRO A 279 4.91 4.17 -40.11
N ASN A 280 5.64 3.27 -39.47
CA ASN A 280 5.84 1.94 -40.00
C ASN A 280 4.80 0.92 -39.53
N ASP A 281 3.93 1.30 -38.61
CA ASP A 281 2.93 0.36 -38.11
C ASP A 281 1.76 0.26 -39.09
N ASP A 282 1.02 -0.85 -38.97
CA ASP A 282 -0.10 -1.09 -39.87
C ASP A 282 -1.30 -0.22 -39.49
N SER A 283 -1.47 0.09 -38.21
CA SER A 283 -2.62 0.88 -37.76
C SER A 283 -2.18 1.78 -36.63
N SER A 284 -2.95 2.86 -36.41
CA SER A 284 -2.68 3.83 -35.37
C SER A 284 -3.78 3.88 -34.32
N ARG A 285 -4.58 2.82 -34.20
CA ARG A 285 -5.65 2.82 -33.21
C ARG A 285 -5.10 2.66 -31.81
N ARG A 286 -5.73 3.33 -30.86
CA ARG A 286 -5.39 3.21 -29.45
C ARG A 286 -6.60 2.68 -28.69
N TRP A 287 -6.35 1.95 -27.61
CA TRP A 287 -7.48 1.45 -26.84
C TRP A 287 -7.04 1.13 -25.42
N LEU A 288 -8.01 1.19 -24.51
CA LEU A 288 -7.84 0.84 -23.11
C LEU A 288 -9.01 -0.03 -22.67
N PHE A 289 -8.69 -1.10 -21.95
CA PHE A 289 -9.69 -1.92 -21.29
C PHE A 289 -9.37 -1.97 -19.81
N TYR A 290 -10.38 -1.71 -18.98
CA TYR A 290 -10.22 -1.67 -17.54
C TYR A 290 -11.38 -2.40 -16.89
N TRP A 291 -11.09 -3.17 -15.85
CA TRP A 291 -12.12 -3.90 -15.13
C TRP A 291 -11.73 -3.98 -13.66
N ASN A 292 -12.58 -3.44 -12.80
CA ASN A 292 -12.36 -3.48 -11.35
C ASN A 292 -13.60 -4.10 -10.71
N HIS A 293 -13.44 -5.27 -10.13
CA HIS A 293 -14.53 -5.97 -9.44
C HIS A 293 -14.06 -6.34 -8.04
N SER A 294 -14.93 -6.12 -7.06
CA SER A 294 -14.65 -6.51 -5.69
C SER A 294 -15.94 -7.01 -5.06
N GLY A 295 -15.88 -8.18 -4.42
CA GLY A 295 -17.08 -8.70 -3.78
C GLY A 295 -16.77 -9.81 -2.80
N VAL A 296 -17.59 -9.90 -1.77
CA VAL A 296 -17.61 -11.02 -0.84
C VAL A 296 -19.02 -11.59 -0.83
N MET A 297 -19.16 -12.82 -1.31
CA MET A 297 -20.44 -13.49 -1.44
C MET A 297 -20.57 -14.56 -0.38
N ASP A 298 -21.71 -14.57 0.33
CA ASP A 298 -22.03 -15.54 1.36
C ASP A 298 -21.04 -15.55 2.51
N GLN A 299 -20.28 -14.46 2.67
CA GLN A 299 -19.26 -14.28 3.70
C GLN A 299 -18.09 -15.25 3.57
N VAL A 300 -18.08 -16.11 2.56
CA VAL A 300 -17.03 -17.11 2.38
C VAL A 300 -16.28 -16.92 1.07
N TRP A 301 -16.99 -16.60 -0.02
CA TRP A 301 -16.35 -16.44 -1.31
C TRP A 301 -15.90 -14.99 -1.49
N ARG A 302 -14.71 -14.82 -2.05
CA ARG A 302 -14.14 -13.49 -2.29
C ARG A 302 -13.68 -13.42 -3.74
N PHE A 303 -14.26 -12.50 -4.50
CA PHE A 303 -13.92 -12.31 -5.90
C PHE A 303 -13.27 -10.93 -6.09
N ASN A 304 -12.09 -10.92 -6.69
CA ASN A 304 -11.38 -9.67 -6.96
C ASN A 304 -10.83 -9.68 -8.37
N VAL A 305 -11.05 -8.60 -9.10
CA VAL A 305 -10.49 -8.40 -10.43
C VAL A 305 -9.95 -6.98 -10.49
N ASP A 306 -8.69 -6.84 -10.92
CA ASP A 306 -8.05 -5.54 -11.11
C ASP A 306 -7.25 -5.65 -12.41
N TYR A 307 -7.89 -5.30 -13.52
CA TYR A 307 -7.35 -5.57 -14.85
C TYR A 307 -7.24 -4.28 -15.64
N THR A 308 -6.06 -4.01 -16.18
CA THR A 308 -5.84 -2.89 -17.08
C THR A 308 -4.99 -3.35 -18.24
N LYS A 309 -5.43 -3.04 -19.47
CA LYS A 309 -4.69 -3.39 -20.66
C LYS A 309 -4.79 -2.25 -21.65
N VAL A 310 -3.64 -1.73 -22.08
CA VAL A 310 -3.57 -0.64 -23.04
C VAL A 310 -2.91 -1.15 -24.31
N SER A 311 -3.16 -0.43 -25.41
CA SER A 311 -2.63 -0.85 -26.70
C SER A 311 -1.13 -0.56 -26.81
N ASP A 312 -0.67 0.56 -26.28
CA ASP A 312 0.72 0.97 -26.42
C ASP A 312 1.19 1.50 -25.08
N PRO A 313 2.50 1.42 -24.80
CA PRO A 313 2.99 1.87 -23.49
C PRO A 313 2.85 3.35 -23.24
N SER A 314 2.64 4.17 -24.26
CA SER A 314 2.54 5.61 -24.12
C SER A 314 1.09 6.09 -24.03
N TYR A 315 0.15 5.19 -23.76
CA TYR A 315 -1.26 5.56 -23.74
C TYR A 315 -1.56 6.58 -22.65
N PHE A 316 -1.03 6.39 -21.45
CA PHE A 316 -1.37 7.24 -20.32
C PHE A 316 -0.66 8.59 -20.36
N ASN A 317 0.37 8.75 -21.19
CA ASN A 317 0.98 10.06 -21.38
C ASN A 317 0.23 10.92 -22.38
N ASP A 318 -0.74 10.35 -23.10
CA ASP A 318 -1.48 11.08 -24.12
C ASP A 318 -2.94 11.33 -23.77
N PHE A 319 -3.54 10.56 -22.87
CA PHE A 319 -4.96 10.63 -22.62
C PHE A 319 -5.23 10.83 -21.13
N ASP A 320 -6.49 11.13 -20.83
CA ASP A 320 -6.87 11.52 -19.48
C ASP A 320 -6.63 10.40 -18.48
N ASN A 321 -6.24 10.78 -17.26
CA ASN A 321 -5.87 9.84 -16.20
C ASN A 321 -7.05 9.70 -15.26
N LYS A 322 -7.91 8.71 -15.54
CA LYS A 322 -9.05 8.43 -14.69
C LYS A 322 -8.98 7.05 -14.05
N TYR A 323 -8.59 6.03 -14.82
CA TYR A 323 -8.31 4.71 -14.28
C TYR A 323 -6.85 4.33 -14.38
N GLY A 324 -6.02 5.21 -14.96
CA GLY A 324 -4.59 5.06 -14.94
C GLY A 324 -3.95 6.40 -14.63
N SER A 325 -2.63 6.46 -14.80
CA SER A 325 -1.91 7.69 -14.56
C SER A 325 -0.65 7.71 -15.43
N SER A 326 -0.22 8.93 -15.76
CA SER A 326 1.04 9.09 -16.48
C SER A 326 2.23 8.70 -15.63
N THR A 327 2.06 8.63 -14.31
CA THR A 327 3.12 8.21 -13.41
C THR A 327 3.27 6.70 -13.31
N ASP A 328 2.31 5.94 -13.84
CA ASP A 328 2.39 4.50 -13.77
C ASP A 328 3.51 3.97 -14.67
N GLY A 329 4.24 2.99 -14.16
CA GLY A 329 5.28 2.36 -14.94
C GLY A 329 4.83 1.09 -15.63
N TYR A 330 3.68 0.57 -15.21
CA TYR A 330 3.16 -0.67 -15.78
C TYR A 330 1.67 -0.77 -15.47
N ALA A 331 1.01 -1.67 -16.20
CA ALA A 331 -0.40 -1.97 -16.00
C ALA A 331 -0.53 -3.33 -15.36
N THR A 332 -1.42 -3.43 -14.37
CA THR A 332 -1.61 -4.65 -13.58
C THR A 332 -2.83 -5.40 -14.07
N GLN A 333 -2.74 -6.74 -14.05
CA GLN A 333 -3.82 -7.61 -14.52
C GLN A 333 -3.94 -8.76 -13.53
N LYS A 334 -4.85 -8.62 -12.57
CA LYS A 334 -4.99 -9.57 -11.48
C LYS A 334 -6.40 -10.12 -11.42
N PHE A 335 -6.51 -11.44 -11.28
CA PHE A 335 -7.75 -12.11 -10.94
C PHE A 335 -7.51 -12.92 -9.66
N SER A 336 -8.54 -13.02 -8.82
CA SER A 336 -8.39 -13.84 -7.62
C SER A 336 -9.76 -14.30 -7.14
N VAL A 337 -9.87 -15.61 -6.85
CA VAL A 337 -11.03 -16.20 -6.23
C VAL A 337 -10.57 -16.91 -4.96
N GLY A 338 -11.16 -16.56 -3.83
CA GLY A 338 -10.76 -17.11 -2.56
C GLY A 338 -11.94 -17.63 -1.77
N TYR A 339 -11.66 -18.62 -0.93
CA TYR A 339 -12.62 -19.17 0.02
C TYR A 339 -12.02 -19.04 1.41
N ALA A 340 -12.71 -18.34 2.30
CA ALA A 340 -12.18 -18.02 3.62
C ALA A 340 -13.23 -18.31 4.69
N VAL A 341 -12.89 -19.21 5.60
CA VAL A 341 -13.68 -19.44 6.82
C VAL A 341 -12.77 -19.12 8.01
N GLN A 342 -13.34 -19.16 9.21
CA GLN A 342 -12.72 -18.54 10.37
C GLN A 342 -11.32 -19.06 10.65
N ASN A 343 -11.04 -20.31 10.29
N ASN A 343 -11.04 -20.31 10.29
CA ASN A 343 -9.74 -20.91 10.58
CA ASN A 343 -9.76 -20.94 10.58
C ASN A 343 -9.05 -21.44 9.33
C ASN A 343 -9.05 -21.44 9.33
N PHE A 344 -9.50 -21.04 8.15
CA PHE A 344 -8.91 -21.58 6.92
C PHE A 344 -9.15 -20.62 5.77
N ASN A 345 -8.23 -20.59 4.82
CA ASN A 345 -8.53 -19.89 3.58
C ASN A 345 -7.65 -20.43 2.46
N ALA A 346 -8.18 -20.35 1.24
CA ALA A 346 -7.48 -20.81 0.04
C ALA A 346 -7.84 -19.87 -1.10
N THR A 347 -6.82 -19.30 -1.73
CA THR A 347 -7.00 -18.32 -2.80
C THR A 347 -6.27 -18.79 -4.04
N VAL A 348 -6.94 -18.72 -5.19
CA VAL A 348 -6.34 -18.95 -6.49
C VAL A 348 -6.33 -17.64 -7.25
N SER A 349 -5.16 -17.19 -7.66
CA SER A 349 -5.01 -15.89 -8.29
C SER A 349 -4.09 -15.98 -9.49
N THR A 350 -4.27 -15.05 -10.42
CA THR A 350 -3.41 -14.88 -11.58
C THR A 350 -2.97 -13.43 -11.62
N LYS A 351 -1.66 -13.21 -11.73
CA LYS A 351 -1.07 -11.89 -11.76
C LYS A 351 -0.21 -11.74 -13.00
N GLN A 352 -0.50 -10.72 -13.81
CA GLN A 352 0.29 -10.40 -14.98
C GLN A 352 0.52 -8.89 -15.02
N PHE A 353 1.57 -8.48 -15.74
CA PHE A 353 1.95 -7.09 -15.78
C PHE A 353 2.41 -6.72 -17.18
N GLN A 354 1.96 -5.56 -17.63
CA GLN A 354 2.35 -5.00 -18.92
C GLN A 354 3.27 -3.82 -18.64
N VAL A 355 4.55 -3.98 -18.90
CA VAL A 355 5.54 -2.96 -18.55
C VAL A 355 5.61 -1.92 -19.66
N PHE A 356 5.64 -0.64 -19.26
CA PHE A 356 5.62 0.46 -20.21
C PHE A 356 7.00 0.90 -20.65
N SER A 357 7.96 0.95 -19.73
CA SER A 357 9.30 1.42 -20.06
C SER A 357 9.95 0.53 -21.11
N GLU A 358 10.55 1.15 -22.12
CA GLU A 358 11.23 0.42 -23.19
C GLU A 358 12.71 0.22 -22.88
N GLN A 359 12.99 -0.31 -21.69
CA GLN A 359 14.33 -0.71 -21.29
C GLN A 359 14.47 -2.21 -21.13
N ASN A 360 13.55 -2.83 -20.37
CA ASN A 360 13.47 -4.28 -20.26
C ASN A 360 11.99 -4.62 -20.06
N THR A 361 11.31 -4.91 -21.16
CA THR A 361 9.88 -5.21 -21.10
C THR A 361 9.60 -6.60 -20.55
N SER A 362 10.63 -7.43 -20.37
CA SER A 362 10.43 -8.78 -19.84
C SER A 362 9.97 -8.69 -18.39
N SER A 363 8.87 -9.39 -18.09
CA SER A 363 8.34 -9.46 -16.73
C SER A 363 7.82 -10.86 -16.47
N TYR A 364 7.89 -11.27 -15.21
CA TYR A 364 7.39 -12.57 -14.80
C TYR A 364 5.95 -12.47 -14.33
N SER A 365 5.19 -13.54 -14.55
CA SER A 365 3.79 -13.61 -14.15
C SER A 365 3.54 -14.94 -13.48
N ALA A 366 2.62 -14.93 -12.52
CA ALA A 366 2.22 -16.12 -11.77
C ALA A 366 0.91 -16.62 -12.36
N GLU A 367 0.99 -17.65 -13.19
CA GLU A 367 -0.17 -18.23 -13.86
C GLU A 367 -0.19 -19.74 -13.68
N PRO A 368 -0.84 -20.23 -12.62
CA PRO A 368 -1.51 -19.49 -11.55
C PRO A 368 -0.73 -19.53 -10.25
N GLN A 369 -1.33 -18.97 -9.19
CA GLN A 369 -0.78 -19.00 -7.84
C GLN A 369 -1.87 -19.47 -6.89
N LEU A 370 -1.54 -20.39 -6.00
CA LEU A 370 -2.48 -20.94 -5.03
C LEU A 370 -1.89 -20.79 -3.64
N ASP A 371 -2.60 -20.09 -2.76
CA ASP A 371 -2.18 -19.87 -1.39
C ASP A 371 -3.19 -20.51 -0.44
N VAL A 372 -2.70 -21.16 0.60
CA VAL A 372 -3.54 -21.81 1.60
C VAL A 372 -2.99 -21.48 2.98
N ASN A 373 -3.89 -21.08 3.89
CA ASN A 373 -3.53 -20.87 5.29
C ASN A 373 -4.49 -21.67 6.16
N TYR A 374 -3.94 -22.35 7.16
CA TYR A 374 -4.72 -23.05 8.17
C TYR A 374 -4.19 -22.70 9.56
N TYR A 375 -5.11 -22.54 10.51
CA TYR A 375 -4.77 -22.09 11.85
C TYR A 375 -5.38 -23.02 12.89
N GLN A 376 -4.74 -23.09 14.06
CA GLN A 376 -5.29 -23.80 15.21
C GLN A 376 -4.69 -23.18 16.46
N ASN A 377 -5.53 -22.68 17.36
CA ASN A 377 -5.07 -21.79 18.42
C ASN A 377 -5.00 -22.43 19.80
N ASP A 378 -5.46 -23.67 19.96
CA ASP A 378 -5.51 -24.28 21.29
C ASP A 378 -4.81 -25.63 21.31
N VAL A 379 -3.61 -25.70 20.73
CA VAL A 379 -2.79 -26.92 20.81
C VAL A 379 -1.96 -26.76 22.08
N GLY A 380 -2.56 -27.14 23.21
CA GLY A 380 -1.97 -26.90 24.50
C GLY A 380 -1.80 -25.42 24.75
N PRO A 381 -0.60 -25.02 25.20
CA PRO A 381 -0.28 -23.59 25.29
C PRO A 381 0.17 -22.96 23.99
N PHE A 382 0.33 -23.75 22.93
CA PHE A 382 0.91 -23.29 21.68
C PHE A 382 -0.18 -22.91 20.67
N ASP A 383 0.16 -21.98 19.79
CA ASP A 383 -0.65 -21.64 18.64
C ASP A 383 0.09 -22.09 17.38
N THR A 384 -0.59 -22.86 16.54
CA THR A 384 0.02 -23.46 15.36
C THR A 384 -0.67 -22.97 14.10
N ARG A 385 0.10 -22.91 13.02
CA ARG A 385 -0.44 -22.53 11.73
C ARG A 385 0.42 -23.14 10.63
N ILE A 386 -0.18 -23.25 9.44
CA ILE A 386 0.53 -23.77 8.28
C ILE A 386 0.15 -22.93 7.07
N TYR A 387 1.16 -22.58 6.27
CA TYR A 387 1.00 -21.82 5.05
C TYR A 387 1.58 -22.61 3.88
N GLY A 388 0.79 -22.77 2.83
CA GLY A 388 1.24 -23.47 1.64
C GLY A 388 1.02 -22.63 0.40
N GLN A 389 1.89 -22.83 -0.58
CA GLN A 389 1.81 -22.07 -1.82
C GLN A 389 2.28 -22.94 -2.98
N ALA A 390 1.60 -22.79 -4.11
CA ALA A 390 1.98 -23.45 -5.35
C ALA A 390 1.87 -22.44 -6.48
N VAL A 391 2.98 -22.13 -7.12
CA VAL A 391 3.01 -21.05 -8.11
C VAL A 391 3.72 -21.53 -9.37
N HIS A 392 3.31 -20.95 -10.50
CA HIS A 392 3.94 -21.19 -11.80
C HIS A 392 4.39 -19.85 -12.35
N PHE A 393 5.70 -19.66 -12.45
CA PHE A 393 6.31 -18.43 -12.94
C PHE A 393 6.63 -18.59 -14.42
N VAL A 394 6.06 -17.72 -15.25
CA VAL A 394 6.29 -17.73 -16.68
C VAL A 394 6.63 -16.31 -17.13
N ASN A 395 7.56 -16.19 -18.08
CA ASN A 395 8.05 -14.90 -18.53
C ASN A 395 7.51 -14.58 -19.92
N THR A 396 7.44 -13.28 -20.22
CA THR A 396 7.01 -12.85 -21.54
C THR A 396 8.01 -13.28 -22.61
N ARG A 397 9.30 -13.15 -22.34
CA ARG A 397 10.32 -13.62 -23.27
C ARG A 397 10.34 -15.14 -23.30
N ASP A 398 10.62 -15.70 -24.48
CA ASP A 398 10.63 -17.14 -24.65
C ASP A 398 11.97 -17.77 -24.29
N ASP A 399 13.01 -16.97 -24.04
CA ASP A 399 14.33 -17.48 -23.69
C ASP A 399 14.63 -17.38 -22.20
N MET A 400 13.67 -16.98 -21.40
CA MET A 400 13.88 -16.82 -19.97
C MET A 400 13.41 -18.07 -19.23
N PRO A 401 14.02 -18.37 -18.07
CA PRO A 401 13.63 -19.58 -17.34
C PRO A 401 12.18 -19.52 -16.86
N GLU A 402 11.52 -20.68 -16.89
CA GLU A 402 10.20 -20.85 -16.30
C GLU A 402 10.32 -21.72 -15.06
N ALA A 403 9.44 -21.52 -14.10
CA ALA A 403 9.56 -22.23 -12.83
C ALA A 403 8.21 -22.70 -12.32
N THR A 404 8.25 -23.78 -11.55
CA THR A 404 7.13 -24.23 -10.74
C THR A 404 7.65 -24.38 -9.31
N ARG A 405 7.04 -23.66 -8.37
CA ARG A 405 7.52 -23.61 -7.00
C ARG A 405 6.43 -24.08 -6.05
N VAL A 406 6.79 -24.97 -5.13
CA VAL A 406 5.89 -25.44 -4.08
C VAL A 406 6.53 -25.15 -2.74
N HIS A 407 5.81 -24.47 -1.86
CA HIS A 407 6.34 -24.00 -0.59
C HIS A 407 5.42 -24.39 0.55
N LEU A 408 6.02 -24.87 1.63
CA LEU A 408 5.32 -25.22 2.86
C LEU A 408 5.98 -24.52 4.04
N GLU A 409 5.16 -24.14 5.01
CA GLU A 409 5.61 -23.33 6.14
C GLU A 409 4.80 -23.70 7.36
N PRO A 410 5.27 -24.64 8.17
CA PRO A 410 4.66 -24.88 9.49
C PRO A 410 5.27 -23.98 10.55
N THR A 411 4.41 -23.38 11.38
CA THR A 411 4.83 -22.42 12.39
C THR A 411 4.14 -22.75 13.71
N ILE A 412 4.89 -22.71 14.81
CA ILE A 412 4.34 -22.91 16.14
C ILE A 412 4.90 -21.86 17.07
N ASN A 413 4.04 -21.20 17.82
CA ASN A 413 4.47 -20.13 18.71
C ASN A 413 3.85 -20.29 20.10
N LEU A 414 4.57 -19.79 21.10
CA LEU A 414 4.14 -19.74 22.48
C LEU A 414 4.06 -18.28 22.91
N PRO A 415 2.87 -17.72 23.06
CA PRO A 415 2.75 -16.36 23.61
C PRO A 415 2.46 -16.35 25.10
N LEU A 416 3.10 -15.43 25.83
CA LEU A 416 2.83 -15.20 27.24
C LEU A 416 2.70 -13.71 27.45
N SER A 417 1.78 -13.31 28.33
CA SER A 417 1.50 -11.90 28.52
C SER A 417 1.25 -11.60 29.99
N ASN A 418 1.55 -10.38 30.37
CA ASN A 418 1.26 -9.82 31.68
C ASN A 418 0.44 -8.55 31.50
N ASN A 419 0.21 -7.85 32.61
CA ASN A 419 -0.37 -6.51 32.52
C ASN A 419 0.63 -5.49 32.00
N TRP A 420 1.93 -5.78 32.12
CA TRP A 420 2.97 -4.83 31.75
C TRP A 420 3.94 -5.34 30.69
N GLY A 421 3.95 -6.64 30.39
CA GLY A 421 4.91 -7.16 29.44
C GLY A 421 4.38 -8.39 28.73
N SER A 422 5.08 -8.77 27.66
CA SER A 422 4.70 -9.93 26.87
C SER A 422 5.94 -10.48 26.16
N ILE A 423 5.90 -11.78 25.89
CA ILE A 423 6.98 -12.45 25.16
C ILE A 423 6.38 -13.55 24.30
N ASN A 424 6.82 -13.62 23.04
CA ASN A 424 6.33 -14.61 22.09
C ASN A 424 7.51 -15.33 21.49
N THR A 425 7.51 -16.66 21.56
CA THR A 425 8.57 -17.49 21.00
C THR A 425 8.03 -18.30 19.83
N GLU A 426 8.69 -18.20 18.67
CA GLU A 426 8.16 -18.79 17.45
C GLU A 426 9.22 -19.66 16.78
N ALA A 427 8.81 -20.85 16.35
CA ALA A 427 9.65 -21.76 15.61
C ALA A 427 8.96 -22.15 14.32
N LYS A 428 9.69 -22.08 13.21
CA LYS A 428 9.09 -22.20 11.89
C LYS A 428 10.00 -23.04 11.00
N PHE A 429 9.39 -23.75 10.05
CA PHE A 429 10.14 -24.40 8.98
C PHE A 429 9.74 -23.81 7.64
N LEU A 430 10.73 -23.66 6.76
CA LEU A 430 10.52 -23.17 5.41
C LEU A 430 11.01 -24.26 4.45
N ALA A 431 10.08 -24.92 3.76
CA ALA A 431 10.43 -25.94 2.79
C ALA A 431 9.97 -25.48 1.42
N THR A 432 10.84 -25.60 0.43
CA THR A 432 10.54 -25.14 -0.92
C THR A 432 11.14 -26.09 -1.93
N HIS A 433 10.37 -26.36 -2.98
CA HIS A 433 10.82 -27.16 -4.12
C HIS A 433 10.64 -26.35 -5.40
N TYR A 434 11.70 -26.28 -6.18
CA TYR A 434 11.72 -25.57 -7.45
C TYR A 434 11.93 -26.56 -8.59
N GLN A 435 11.11 -26.47 -9.62
CA GLN A 435 11.33 -27.15 -10.90
C GLN A 435 11.52 -26.06 -11.95
N GLN A 436 12.75 -25.94 -12.46
CA GLN A 436 13.11 -24.87 -13.38
C GLN A 436 13.39 -25.45 -14.76
N THR A 437 12.83 -24.81 -15.79
CA THR A 437 13.02 -25.22 -17.17
C THR A 437 13.40 -24.01 -18.01
N ASN A 438 13.79 -24.28 -19.26
CA ASN A 438 14.21 -23.23 -20.20
C ASN A 438 15.44 -22.49 -19.69
N LEU A 439 16.42 -23.24 -19.21
CA LEU A 439 17.62 -22.67 -18.60
C LEU A 439 18.80 -22.56 -19.57
N ASP A 440 18.62 -22.98 -20.82
CA ASP A 440 19.76 -23.02 -21.74
C ASP A 440 20.32 -21.63 -22.01
N TRP A 441 19.44 -20.67 -22.34
CA TRP A 441 19.89 -19.32 -22.65
C TRP A 441 20.55 -18.67 -21.45
N TYR A 442 19.97 -18.82 -20.26
CA TYR A 442 20.56 -18.24 -19.06
C TYR A 442 21.88 -18.93 -18.70
N ASN A 443 21.92 -20.26 -18.78
CA ASN A 443 23.13 -20.98 -18.42
C ASN A 443 24.25 -20.75 -19.40
N SER A 444 23.94 -20.37 -20.64
CA SER A 444 24.99 -20.08 -21.61
C SER A 444 25.56 -18.67 -21.46
N ARG A 445 24.95 -17.82 -20.64
CA ARG A 445 25.39 -16.44 -20.49
C ARG A 445 25.97 -16.12 -19.12
N ASN A 446 25.71 -16.94 -18.11
CA ASN A 446 26.15 -16.66 -16.74
C ASN A 446 27.06 -17.77 -16.25
N THR A 447 28.04 -17.39 -15.43
CA THR A 447 29.00 -18.35 -14.90
C THR A 447 28.38 -19.25 -13.84
N THR A 448 27.36 -18.78 -13.13
CA THR A 448 26.66 -19.61 -12.17
C THR A 448 25.49 -20.31 -12.86
N LYS A 449 25.26 -21.57 -12.48
CA LYS A 449 24.31 -22.42 -13.18
C LYS A 449 23.02 -22.52 -12.39
N LEU A 450 21.89 -22.37 -13.06
CA LEU A 450 20.60 -22.67 -12.49
C LEU A 450 20.34 -24.18 -12.55
N ASP A 451 19.77 -24.72 -11.49
CA ASP A 451 19.47 -26.14 -11.40
C ASP A 451 18.01 -26.39 -11.74
N GLU A 452 17.75 -27.49 -12.44
CA GLU A 452 16.39 -27.77 -12.87
C GLU A 452 15.52 -28.23 -11.71
N SER A 453 16.11 -28.89 -10.72
CA SER A 453 15.41 -29.31 -9.51
C SER A 453 16.17 -28.81 -8.30
N VAL A 454 15.48 -28.08 -7.42
CA VAL A 454 16.11 -27.48 -6.25
C VAL A 454 15.23 -27.74 -5.03
N ASN A 455 15.86 -28.12 -3.92
CA ASN A 455 15.20 -28.26 -2.63
C ASN A 455 15.87 -27.32 -1.64
N ARG A 456 15.07 -26.51 -0.96
CA ARG A 456 15.57 -25.55 0.02
C ARG A 456 14.74 -25.65 1.29
N VAL A 457 15.34 -26.15 2.37
CA VAL A 457 14.67 -26.28 3.66
C VAL A 457 15.52 -25.57 4.70
N MET A 458 14.88 -24.73 5.52
CA MET A 458 15.59 -24.02 6.57
C MET A 458 14.68 -23.77 7.78
N PRO A 459 15.20 -23.95 8.99
CA PRO A 459 14.44 -23.56 10.18
C PRO A 459 14.58 -22.07 10.48
N GLN A 460 13.67 -21.58 11.30
CA GLN A 460 13.68 -20.20 11.73
C GLN A 460 13.26 -20.12 13.20
N PHE A 461 13.99 -19.34 13.98
CA PHE A 461 13.72 -19.17 15.40
C PHE A 461 13.60 -17.69 15.69
N LYS A 462 12.55 -17.30 16.42
CA LYS A 462 12.31 -15.90 16.72
C LYS A 462 11.84 -15.76 18.16
N VAL A 463 12.32 -14.73 18.84
CA VAL A 463 11.87 -14.39 20.18
C VAL A 463 11.58 -12.89 20.21
N ASP A 464 10.35 -12.53 20.54
CA ASP A 464 9.94 -11.13 20.62
C ASP A 464 9.50 -10.81 22.03
N GLY A 465 9.88 -9.63 22.52
CA GLY A 465 9.52 -9.22 23.87
C GLY A 465 9.20 -7.75 23.97
N LYS A 466 8.16 -7.42 24.72
CA LYS A 466 7.70 -6.05 24.92
C LYS A 466 7.51 -5.78 26.40
N MET A 467 7.90 -4.58 26.84
CA MET A 467 7.57 -4.11 28.17
C MET A 467 6.91 -2.74 28.07
N VAL A 468 6.11 -2.41 29.08
CA VAL A 468 5.42 -1.12 29.14
C VAL A 468 5.64 -0.52 30.53
N PHE A 469 6.16 0.70 30.57
CA PHE A 469 6.29 1.48 31.79
C PHE A 469 5.42 2.73 31.67
N GLU A 470 4.90 3.19 32.80
CA GLU A 470 4.01 4.34 32.83
C GLU A 470 4.49 5.35 33.86
N ARG A 471 4.18 6.62 33.62
CA ARG A 471 4.39 7.65 34.61
C ARG A 471 3.40 8.78 34.38
N ASP A 472 3.13 9.52 35.44
CA ASP A 472 2.28 10.71 35.37
C ASP A 472 3.18 11.92 35.18
N MET A 473 3.00 12.62 34.05
CA MET A 473 3.86 13.75 33.71
C MET A 473 3.13 15.04 34.09
N GLU A 474 3.23 15.40 35.36
CA GLU A 474 2.52 16.56 35.89
C GLU A 474 3.15 17.88 35.47
N MET A 475 4.44 17.90 35.14
CA MET A 475 5.09 19.16 34.80
C MET A 475 4.52 19.77 33.52
N LEU A 476 4.25 18.93 32.51
CA LEU A 476 3.63 19.45 31.30
C LEU A 476 2.17 19.83 31.54
N ALA A 477 1.41 18.93 32.17
CA ALA A 477 0.00 19.14 32.44
C ALA A 477 -0.50 18.07 33.40
N PRO A 478 -1.39 18.41 34.34
CA PRO A 478 -1.93 17.40 35.25
C PRO A 478 -2.79 16.39 34.52
N GLY A 479 -2.69 15.13 34.94
CA GLY A 479 -3.46 14.06 34.36
C GLY A 479 -2.90 13.48 33.08
N TYR A 480 -1.77 13.99 32.59
CA TYR A 480 -1.16 13.46 31.37
C TYR A 480 -0.28 12.26 31.71
N THR A 481 -0.34 11.24 30.86
CA THR A 481 0.36 9.99 31.09
C THR A 481 1.40 9.78 30.00
N GLN A 482 2.62 9.41 30.41
CA GLN A 482 3.69 9.06 29.49
C GLN A 482 4.01 7.59 29.63
N THR A 483 3.99 6.88 28.51
CA THR A 483 4.29 5.45 28.47
C THR A 483 5.58 5.24 27.69
N LEU A 484 6.45 4.39 28.22
CA LEU A 484 7.71 4.02 27.59
C LEU A 484 7.70 2.52 27.35
N GLU A 485 7.80 2.12 26.09
CA GLU A 485 7.65 0.72 25.70
C GLU A 485 8.92 0.24 25.02
N PRO A 486 9.78 -0.50 25.72
CA PRO A 486 10.89 -1.18 25.05
C PRO A 486 10.43 -2.45 24.35
N ARG A 487 11.08 -2.74 23.23
CA ARG A 487 10.78 -3.91 22.41
C ARG A 487 12.08 -4.50 21.90
N ALA A 488 12.21 -5.82 22.01
CA ALA A 488 13.41 -6.51 21.54
C ALA A 488 12.99 -7.75 20.76
N GLN A 489 13.84 -8.17 19.82
CA GLN A 489 13.53 -9.34 19.02
C GLN A 489 14.81 -9.99 18.53
N TYR A 490 15.01 -11.24 18.88
CA TYR A 490 16.13 -12.03 18.35
C TYR A 490 15.62 -12.93 17.23
N LEU A 491 16.34 -12.94 16.12
CA LEU A 491 15.97 -13.73 14.95
C LEU A 491 17.17 -14.52 14.47
N TYR A 492 16.94 -15.81 14.19
CA TYR A 492 17.98 -16.69 13.67
C TYR A 492 17.41 -17.57 12.55
N VAL A 493 18.03 -17.47 11.38
CA VAL A 493 17.78 -18.31 10.22
C VAL A 493 19.13 -18.75 9.66
N PRO A 494 19.38 -20.04 9.50
CA PRO A 494 20.66 -20.49 8.95
C PRO A 494 20.84 -20.03 7.50
N TYR A 495 22.04 -20.24 6.99
CA TYR A 495 22.39 -19.82 5.64
C TYR A 495 22.25 -20.98 4.66
N ARG A 496 21.57 -20.73 3.56
CA ARG A 496 21.45 -21.70 2.47
C ARG A 496 21.86 -21.01 1.17
N ASP A 497 22.73 -21.67 0.41
CA ASP A 497 23.18 -21.11 -0.86
C ASP A 497 22.05 -21.18 -1.87
N GLN A 498 21.63 -20.02 -2.37
CA GLN A 498 20.47 -19.91 -3.24
C GLN A 498 20.83 -19.40 -4.63
N SER A 499 22.11 -19.49 -5.02
CA SER A 499 22.55 -18.98 -6.31
C SER A 499 22.00 -19.79 -7.47
N ASP A 500 21.57 -21.02 -7.24
CA ASP A 500 21.02 -21.86 -8.30
C ASP A 500 19.53 -21.63 -8.52
N ILE A 501 18.92 -20.73 -7.76
CA ILE A 501 17.52 -20.36 -7.92
C ILE A 501 17.44 -18.98 -8.54
N TYR A 502 16.73 -18.86 -9.66
CA TYR A 502 16.50 -17.56 -10.26
C TYR A 502 15.57 -16.73 -9.37
N ASN A 503 15.80 -15.42 -9.36
CA ASN A 503 15.00 -14.50 -8.57
C ASN A 503 13.78 -14.08 -9.37
N TYR A 504 12.62 -14.66 -9.06
CA TYR A 504 11.39 -14.39 -9.78
C TYR A 504 10.55 -13.30 -9.12
N ASP A 505 10.32 -13.38 -7.81
CA ASP A 505 9.40 -12.46 -7.16
C ASP A 505 9.89 -12.00 -5.79
N SER A 506 11.20 -11.89 -5.60
CA SER A 506 11.77 -11.42 -4.35
C SER A 506 12.43 -10.07 -4.56
N SER A 507 12.02 -9.08 -3.77
CA SER A 507 12.58 -7.73 -3.83
C SER A 507 12.91 -7.25 -2.43
N LEU A 508 13.90 -6.36 -2.35
CA LEU A 508 14.30 -5.82 -1.07
C LEU A 508 13.19 -4.99 -0.46
N LEU A 509 12.98 -5.15 0.84
CA LEU A 509 11.90 -4.47 1.55
C LEU A 509 12.45 -3.27 2.32
N GLN A 510 11.67 -2.19 2.34
CA GLN A 510 12.04 -1.02 3.12
C GLN A 510 11.99 -1.33 4.61
N SER A 511 12.87 -0.68 5.36
CA SER A 511 12.98 -0.90 6.80
C SER A 511 12.61 0.38 7.53
N ASP A 512 11.31 0.57 7.74
CA ASP A 512 10.83 1.63 8.62
C ASP A 512 10.88 1.11 10.05
N TYR A 513 10.33 1.85 11.00
CA TYR A 513 10.35 1.38 12.39
C TYR A 513 9.52 0.11 12.54
N SER A 514 8.34 0.06 11.92
CA SER A 514 7.54 -1.16 11.98
C SER A 514 8.23 -2.30 11.24
N GLY A 515 8.89 -2.01 10.13
CA GLY A 515 9.60 -3.03 9.38
C GLY A 515 10.90 -3.48 9.99
N LEU A 516 11.35 -2.84 11.07
CA LEU A 516 12.56 -3.27 11.74
C LEU A 516 12.39 -4.66 12.36
N PHE A 517 11.19 -4.95 12.87
CA PHE A 517 10.91 -6.22 13.52
C PHE A 517 10.37 -7.27 12.57
N ARG A 518 10.36 -6.98 11.28
CA ARG A 518 9.98 -7.96 10.27
C ARG A 518 10.98 -9.11 10.26
N ASP A 519 10.48 -10.32 10.01
CA ASP A 519 11.30 -11.51 9.97
C ASP A 519 11.81 -11.85 8.58
N ARG A 520 11.55 -11.00 7.59
CA ARG A 520 11.96 -11.24 6.22
C ARG A 520 12.74 -10.03 5.70
N THR A 521 13.78 -10.29 4.91
CA THR A 521 14.51 -9.24 4.23
C THR A 521 13.95 -8.97 2.83
N TYR A 522 13.50 -10.01 2.15
CA TYR A 522 12.91 -9.89 0.82
C TYR A 522 11.46 -10.33 0.85
N GLY A 523 10.69 -9.85 -0.11
CA GLY A 523 9.36 -10.39 -0.35
C GLY A 523 9.43 -11.69 -1.11
N GLY A 524 8.28 -12.31 -1.29
CA GLY A 524 8.25 -13.57 -2.00
C GLY A 524 9.00 -14.66 -1.25
N LEU A 525 9.49 -15.65 -2.00
CA LEU A 525 10.21 -16.76 -1.40
C LEU A 525 11.47 -17.18 -2.17
N ASP A 526 11.85 -16.47 -3.23
CA ASP A 526 13.04 -16.87 -3.98
C ASP A 526 14.31 -16.61 -3.19
N ARG A 527 14.38 -15.48 -2.49
CA ARG A 527 15.53 -15.14 -1.68
C ARG A 527 15.11 -15.04 -0.22
N ILE A 528 15.76 -15.82 0.63
CA ILE A 528 15.54 -15.79 2.07
C ILE A 528 16.89 -15.60 2.73
N ALA A 529 17.14 -14.41 3.25
CA ALA A 529 18.44 -14.09 3.81
C ALA A 529 18.66 -14.81 5.14
N SER A 530 19.90 -15.26 5.35
CA SER A 530 20.27 -15.78 6.65
C SER A 530 20.25 -14.67 7.68
N ALA A 531 19.84 -15.00 8.90
CA ALA A 531 19.67 -13.99 9.95
C ALA A 531 20.32 -14.48 11.23
N ASN A 532 21.11 -13.60 11.85
CA ASN A 532 21.55 -13.76 13.23
C ASN A 532 21.55 -12.34 13.79
N GLN A 533 20.43 -11.90 14.33
CA GLN A 533 20.28 -10.48 14.58
C GLN A 533 19.39 -10.23 15.78
N VAL A 534 19.56 -9.05 16.36
CA VAL A 534 18.69 -8.56 17.42
C VAL A 534 18.22 -7.15 17.05
N THR A 535 16.91 -6.95 17.09
CA THR A 535 16.29 -5.65 16.84
C THR A 535 15.85 -5.07 18.15
N THR A 536 16.30 -3.85 18.45
CA THR A 536 15.96 -3.17 19.69
C THR A 536 15.33 -1.83 19.37
N GLY A 537 14.15 -1.58 19.92
CA GLY A 537 13.47 -0.32 19.70
C GLY A 537 12.76 0.13 20.97
N VAL A 538 12.39 1.41 20.96
CA VAL A 538 11.65 1.99 22.08
C VAL A 538 10.63 2.97 21.51
N THR A 539 9.43 2.94 22.10
CA THR A 539 8.33 3.83 21.71
C THR A 539 7.84 4.58 22.94
N SER A 540 7.78 5.90 22.85
CA SER A 540 7.26 6.74 23.92
C SER A 540 5.97 7.40 23.44
N ARG A 541 4.90 7.22 24.23
CA ARG A 541 3.60 7.78 23.93
C ARG A 541 3.19 8.74 25.05
N ILE A 542 2.43 9.76 24.68
CA ILE A 542 1.88 10.72 25.61
C ILE A 542 0.39 10.82 25.37
N TYR A 543 -0.40 10.46 26.39
CA TYR A 543 -1.85 10.58 26.40
C TYR A 543 -2.28 11.72 27.32
N ASP A 544 -3.38 12.36 26.96
CA ASP A 544 -3.93 13.46 27.75
C ASP A 544 -4.76 12.89 28.90
N ASP A 545 -5.49 13.76 29.60
CA ASP A 545 -6.30 13.33 30.73
C ASP A 545 -7.48 12.47 30.31
N ALA A 546 -7.96 12.62 29.08
CA ALA A 546 -9.07 11.82 28.56
C ALA A 546 -8.61 10.50 27.96
N ALA A 547 -7.40 10.05 28.28
CA ALA A 547 -6.84 8.79 27.78
C ALA A 547 -6.77 8.76 26.26
N VAL A 548 -6.56 9.93 25.64
CA VAL A 548 -6.45 10.04 24.20
C VAL A 548 -4.98 10.28 23.86
N GLU A 549 -4.45 9.47 22.94
CA GLU A 549 -3.04 9.57 22.57
C GLU A 549 -2.81 10.85 21.77
N ARG A 550 -1.93 11.71 22.28
CA ARG A 550 -1.59 12.96 21.61
C ARG A 550 -0.21 12.96 20.98
N PHE A 551 0.73 12.16 21.50
CA PHE A 551 2.07 12.16 20.93
C PHE A 551 2.63 10.75 20.94
N ASN A 552 3.47 10.44 19.95
CA ASN A 552 4.25 9.21 20.00
C ASN A 552 5.51 9.36 19.17
N ILE A 553 6.59 8.74 19.64
CA ILE A 553 7.88 8.75 18.96
C ILE A 553 8.53 7.38 19.14
N SER A 554 9.07 6.83 18.07
CA SER A 554 9.69 5.51 18.08
C SER A 554 11.07 5.60 17.48
N VAL A 555 12.04 4.93 18.10
CA VAL A 555 13.38 4.83 17.54
C VAL A 555 13.89 3.41 17.75
N GLY A 556 14.51 2.84 16.72
CA GLY A 556 14.98 1.47 16.80
C GLY A 556 16.15 1.22 15.88
N GLN A 557 16.81 0.08 16.11
CA GLN A 557 17.98 -0.31 15.35
C GLN A 557 18.04 -1.83 15.26
N ILE A 558 18.80 -2.31 14.28
CA ILE A 558 19.07 -3.74 14.12
C ILE A 558 20.57 -3.96 14.25
N TYR A 559 20.96 -4.92 15.08
CA TYR A 559 22.33 -5.32 15.27
C TYR A 559 22.52 -6.72 14.69
N TYR A 560 23.47 -6.86 13.78
CA TYR A 560 23.73 -8.12 13.08
C TYR A 560 24.96 -8.77 13.69
N PHE A 561 24.80 -9.98 14.24
CA PHE A 561 25.94 -10.72 14.74
C PHE A 561 26.74 -11.35 13.62
N THR A 562 26.08 -11.80 12.55
CA THR A 562 26.74 -12.31 11.36
C THR A 562 26.14 -11.63 10.14
N GLU A 563 26.86 -11.73 9.03
CA GLU A 563 26.41 -11.10 7.79
C GLU A 563 25.17 -11.81 7.25
N SER A 564 24.22 -11.01 6.77
CA SER A 564 22.99 -11.54 6.16
C SER A 564 23.26 -11.77 4.67
N ARG A 565 23.18 -13.03 4.25
CA ARG A 565 23.55 -13.41 2.90
C ARG A 565 22.58 -14.45 2.37
N THR A 566 22.43 -14.45 1.05
CA THR A 566 21.56 -15.41 0.35
C THR A 566 22.33 -16.36 -0.54
N GLY A 567 23.64 -16.16 -0.69
CA GLY A 567 24.42 -16.87 -1.67
C GLY A 567 24.49 -16.19 -3.03
N ASP A 568 23.58 -15.24 -3.29
CA ASP A 568 23.59 -14.41 -4.49
C ASP A 568 23.47 -12.96 -4.01
N ASP A 569 24.60 -12.36 -3.66
CA ASP A 569 24.65 -11.03 -3.07
C ASP A 569 25.24 -10.07 -4.10
N ASN A 570 24.38 -9.25 -4.70
CA ASN A 570 24.77 -8.32 -5.75
C ASN A 570 24.39 -6.88 -5.45
N ILE A 571 23.90 -6.59 -4.25
CA ILE A 571 23.50 -5.24 -3.90
C ILE A 571 24.74 -4.37 -3.77
N THR A 572 24.71 -3.19 -4.40
CA THR A 572 25.85 -2.27 -4.40
C THR A 572 25.72 -1.33 -3.22
N TRP A 573 26.55 -1.56 -2.19
CA TRP A 573 26.60 -0.69 -1.03
C TRP A 573 27.73 0.32 -1.18
N GLU A 574 27.76 1.29 -0.27
CA GLU A 574 28.82 2.29 -0.24
C GLU A 574 30.04 1.84 0.56
N ASN A 575 29.94 0.74 1.29
CA ASN A 575 31.05 0.22 2.08
C ASN A 575 30.83 -1.26 2.31
N ASP A 576 31.78 -1.90 2.98
CA ASP A 576 31.75 -3.34 3.23
C ASP A 576 31.38 -3.67 4.67
N ASP A 577 30.55 -2.85 5.32
CA ASP A 577 30.06 -3.18 6.65
C ASP A 577 29.10 -4.35 6.57
N LYS A 578 29.29 -5.34 7.46
CA LYS A 578 28.50 -6.55 7.40
C LYS A 578 27.88 -6.89 8.75
N THR A 579 28.50 -6.43 9.83
CA THR A 579 28.05 -6.74 11.18
C THR A 579 27.99 -5.46 12.01
N GLY A 580 27.13 -5.46 13.03
CA GLY A 580 26.96 -4.34 13.90
C GLY A 580 25.61 -3.66 13.72
N SER A 581 25.52 -2.44 14.22
CA SER A 581 24.31 -1.63 14.09
C SER A 581 24.30 -1.00 12.70
N LEU A 582 23.63 -1.65 11.76
CA LEU A 582 23.63 -1.21 10.37
C LEU A 582 22.38 -0.44 9.98
N VAL A 583 21.22 -0.77 10.55
CA VAL A 583 19.96 -0.17 10.17
C VAL A 583 19.37 0.54 11.38
N TRP A 584 19.02 1.81 11.20
CA TRP A 584 18.34 2.62 12.21
C TRP A 584 17.08 3.20 11.60
N ALA A 585 16.02 3.29 12.41
CA ALA A 585 14.76 3.85 11.95
C ALA A 585 14.13 4.67 13.05
N GLY A 586 13.40 5.70 12.65
CA GLY A 586 12.71 6.56 13.59
C GLY A 586 11.41 7.05 13.00
N ASP A 587 10.44 7.27 13.88
CA ASP A 587 9.09 7.67 13.49
C ASP A 587 8.53 8.58 14.57
N THR A 588 7.64 9.48 14.17
CA THR A 588 7.01 10.37 15.14
C THR A 588 5.68 10.87 14.59
N TYR A 589 4.71 10.99 15.49
CA TYR A 589 3.41 11.58 15.16
C TYR A 589 2.94 12.40 16.36
N TRP A 590 2.55 13.64 16.08
CA TRP A 590 2.16 14.60 17.11
C TRP A 590 0.86 15.27 16.68
N ARG A 591 -0.20 15.07 17.46
CA ARG A 591 -1.44 15.81 17.25
C ARG A 591 -1.35 17.07 18.09
N ILE A 592 -0.82 18.13 17.49
CA ILE A 592 -0.53 19.36 18.25
C ILE A 592 -1.81 19.96 18.81
N SER A 593 -2.85 20.01 18.00
CA SER A 593 -4.16 20.49 18.45
C SER A 593 -5.22 19.76 17.66
N GLU A 594 -6.46 20.25 17.72
CA GLU A 594 -7.54 19.64 16.95
C GLU A 594 -7.33 19.82 15.45
N ARG A 595 -6.73 20.95 15.04
CA ARG A 595 -6.55 21.26 13.63
C ARG A 595 -5.13 21.03 13.13
N TRP A 596 -4.16 20.84 14.02
CA TRP A 596 -2.76 20.74 13.64
C TRP A 596 -2.26 19.31 13.82
N GLY A 597 -1.45 18.86 12.88
CA GLY A 597 -0.85 17.53 12.96
C GLY A 597 0.52 17.52 12.34
N LEU A 598 1.41 16.72 12.92
CA LEU A 598 2.78 16.61 12.45
C LEU A 598 3.18 15.15 12.39
N ARG A 599 3.81 14.76 11.28
CA ARG A 599 4.28 13.40 11.09
C ARG A 599 5.69 13.42 10.53
N GLY A 600 6.50 12.46 10.93
CA GLY A 600 7.87 12.39 10.45
C GLY A 600 8.40 10.97 10.52
N GLY A 601 9.28 10.65 9.60
CA GLY A 601 9.91 9.35 9.58
C GLY A 601 11.27 9.43 8.91
N ILE A 602 12.20 8.61 9.40
CA ILE A 602 13.56 8.62 8.88
C ILE A 602 14.12 7.20 8.94
N GLN A 603 14.88 6.84 7.91
CA GLN A 603 15.52 5.54 7.80
CA GLN A 603 15.52 5.54 7.80
C GLN A 603 16.97 5.75 7.39
N TYR A 604 17.89 5.27 8.22
CA TYR A 604 19.32 5.43 8.01
C TYR A 604 19.98 4.06 7.92
N ASP A 605 20.90 3.92 6.97
CA ASP A 605 21.67 2.70 6.79
C ASP A 605 23.15 3.05 6.78
N THR A 606 23.92 2.42 7.65
CA THR A 606 25.36 2.69 7.70
C THR A 606 26.08 2.18 6.45
N ARG A 607 25.51 1.18 5.77
CA ARG A 607 26.11 0.68 4.54
C ARG A 607 25.99 1.67 3.39
N LEU A 608 25.05 2.62 3.49
CA LEU A 608 24.91 3.67 2.49
C LEU A 608 25.71 4.93 2.83
N ASP A 609 26.27 5.01 4.04
CA ASP A 609 27.00 6.18 4.50
C ASP A 609 26.16 7.44 4.46
N ASN A 610 24.83 7.27 4.55
CA ASN A 610 23.92 8.40 4.39
C ASN A 610 22.54 7.96 4.87
N VAL A 611 21.66 8.95 5.07
CA VAL A 611 20.27 8.65 5.38
C VAL A 611 19.64 7.99 4.16
N ALA A 612 19.04 6.82 4.36
CA ALA A 612 18.41 6.12 3.26
C ALA A 612 17.19 6.87 2.76
N THR A 613 16.21 7.09 3.64
CA THR A 613 14.98 7.77 3.24
C THR A 613 14.48 8.63 4.39
N SER A 614 13.61 9.59 4.06
CA SER A 614 12.98 10.40 5.08
C SER A 614 11.72 11.04 4.52
N ASN A 615 10.79 11.34 5.40
CA ASN A 615 9.55 12.01 5.02
C ASN A 615 9.06 12.83 6.20
N SER A 616 8.39 13.94 5.89
CA SER A 616 7.84 14.81 6.92
C SER A 616 6.58 15.48 6.39
N SER A 617 5.70 15.85 7.31
CA SER A 617 4.44 16.47 6.93
C SER A 617 3.90 17.28 8.11
N ILE A 618 3.44 18.50 7.82
CA ILE A 618 2.77 19.35 8.80
C ILE A 618 1.49 19.86 8.17
N GLU A 619 0.36 19.64 8.84
CA GLU A 619 -0.94 19.96 8.25
C GLU A 619 -1.82 20.71 9.24
N TYR A 620 -2.43 21.78 8.78
CA TYR A 620 -3.52 22.46 9.48
C TYR A 620 -4.80 22.18 8.71
N ARG A 621 -5.85 21.77 9.41
CA ARG A 621 -7.10 21.43 8.73
C ARG A 621 -8.26 21.77 9.65
N ARG A 622 -8.96 22.86 9.34
CA ARG A 622 -10.14 23.21 10.13
C ARG A 622 -11.31 22.31 9.78
N ASP A 623 -11.49 22.01 8.50
CA ASP A 623 -12.55 21.12 8.02
C ASP A 623 -12.15 20.66 6.63
N GLU A 624 -13.10 20.05 5.91
CA GLU A 624 -12.82 19.54 4.57
C GLU A 624 -12.52 20.64 3.56
N ASP A 625 -12.78 21.91 3.90
CA ASP A 625 -12.56 23.02 2.99
C ASP A 625 -11.39 23.92 3.37
N ARG A 626 -11.20 24.19 4.66
CA ARG A 626 -10.08 25.00 5.14
C ARG A 626 -8.92 24.07 5.45
N LEU A 627 -7.88 24.07 4.60
CA LEU A 627 -6.73 23.25 4.93
C LEU A 627 -5.47 23.77 4.26
N VAL A 628 -4.34 23.55 4.93
CA VAL A 628 -3.00 23.81 4.41
C VAL A 628 -2.12 22.63 4.82
N GLN A 629 -1.24 22.20 3.92
CA GLN A 629 -0.35 21.08 4.21
C GLN A 629 1.00 21.29 3.53
N LEU A 630 2.07 21.04 4.28
CA LEU A 630 3.42 21.05 3.76
C LEU A 630 4.03 19.68 3.96
N ASN A 631 4.61 19.11 2.90
CA ASN A 631 5.19 17.79 2.99
C ASN A 631 6.56 17.80 2.32
N TYR A 632 7.41 16.87 2.77
CA TYR A 632 8.75 16.73 2.21
C TYR A 632 9.10 15.24 2.13
N HIS A 633 9.70 14.86 1.01
CA HIS A 633 10.12 13.50 0.75
C HIS A 633 11.59 13.51 0.31
N TYR A 634 12.38 12.59 0.85
CA TYR A 634 13.79 12.51 0.51
C TYR A 634 14.20 11.05 0.38
N ALA A 635 14.93 10.74 -0.68
CA ALA A 635 15.56 9.45 -0.90
C ALA A 635 16.94 9.70 -1.48
N SER A 636 17.97 9.20 -0.81
CA SER A 636 19.33 9.50 -1.21
C SER A 636 19.67 8.80 -2.52
N PRO A 637 20.60 9.36 -3.30
CA PRO A 637 21.08 8.64 -4.50
C PRO A 637 21.72 7.32 -4.17
N GLU A 638 22.35 7.19 -2.99
CA GLU A 638 22.93 5.91 -2.60
C GLU A 638 21.88 4.84 -2.45
N TYR A 639 20.74 5.18 -1.85
CA TYR A 639 19.64 4.23 -1.73
C TYR A 639 19.09 3.83 -3.09
N ILE A 640 18.99 4.80 -4.01
CA ILE A 640 18.51 4.50 -5.36
C ILE A 640 19.47 3.55 -6.05
N GLN A 641 20.78 3.79 -5.91
CA GLN A 641 21.76 2.91 -6.52
C GLN A 641 21.71 1.51 -5.91
N ALA A 642 21.48 1.42 -4.60
CA ALA A 642 21.49 0.13 -3.93
C ALA A 642 20.26 -0.70 -4.28
N THR A 643 19.07 -0.09 -4.26
CA THR A 643 17.83 -0.85 -4.33
C THR A 643 17.15 -0.80 -5.70
N LEU A 644 17.82 -0.27 -6.71
CA LEU A 644 17.18 -0.13 -8.02
C LEU A 644 18.15 -0.57 -9.12
N PRO A 645 17.68 -0.85 -10.33
CA PRO A 645 18.58 -1.31 -11.39
C PRO A 645 19.72 -0.34 -11.66
N LYS A 646 20.74 -0.84 -12.34
CA LYS A 646 21.96 -0.06 -12.55
C LYS A 646 21.70 1.17 -13.42
N TYR A 647 20.89 1.04 -14.46
CA TYR A 647 20.62 2.19 -15.31
C TYR A 647 19.84 3.27 -14.59
N TYR A 648 19.14 2.93 -13.49
CA TYR A 648 18.58 3.96 -12.63
C TYR A 648 19.69 4.81 -12.01
N SER A 649 20.75 4.16 -11.51
CA SER A 649 21.88 4.90 -10.97
C SER A 649 22.72 5.56 -12.06
N THR A 650 22.51 5.18 -13.32
CA THR A 650 23.21 5.80 -14.43
C THR A 650 22.41 6.89 -15.12
N ALA A 651 21.09 6.72 -15.27
CA ALA A 651 20.29 7.68 -16.02
C ALA A 651 20.16 9.00 -15.27
N GLU A 652 20.07 10.08 -16.06
CA GLU A 652 19.98 11.42 -15.48
C GLU A 652 18.67 11.63 -14.74
N GLN A 653 17.60 10.99 -15.17
CA GLN A 653 16.29 11.22 -14.58
C GLN A 653 16.02 10.34 -13.35
N TYR A 654 16.97 9.51 -12.94
CA TYR A 654 16.77 8.66 -11.77
C TYR A 654 17.87 8.83 -10.74
N LYS A 655 19.10 9.06 -11.18
CA LYS A 655 20.26 8.86 -10.32
C LYS A 655 20.38 9.88 -9.20
N ASN A 656 19.67 11.00 -9.29
CA ASN A 656 19.81 12.05 -8.28
C ASN A 656 18.97 11.80 -7.04
N GLY A 657 18.18 10.73 -7.01
CA GLY A 657 17.33 10.47 -5.87
C GLY A 657 16.10 11.36 -5.88
N ILE A 658 15.51 11.52 -4.70
CA ILE A 658 14.29 12.30 -4.53
C ILE A 658 14.54 13.36 -3.46
N SER A 659 14.23 14.61 -3.78
CA SER A 659 14.17 15.68 -2.78
C SER A 659 13.01 16.58 -3.21
N GLN A 660 11.82 16.29 -2.70
CA GLN A 660 10.59 16.90 -3.19
C GLN A 660 9.84 17.55 -2.04
N VAL A 661 9.52 18.84 -2.20
CA VAL A 661 8.75 19.60 -1.22
C VAL A 661 7.44 20.01 -1.86
N GLY A 662 6.35 19.78 -1.15
CA GLY A 662 5.02 20.05 -1.69
C GLY A 662 4.19 20.88 -0.74
N ALA A 663 3.38 21.76 -1.30
CA ALA A 663 2.46 22.61 -0.55
C ALA A 663 1.08 22.50 -1.16
N VAL A 664 0.09 22.17 -0.33
CA VAL A 664 -1.30 22.07 -0.76
C VAL A 664 -2.12 23.02 0.10
N ALA A 665 -3.09 23.69 -0.51
CA ALA A 665 -3.94 24.61 0.23
C ALA A 665 -5.32 24.63 -0.38
N SER A 666 -6.32 24.91 0.46
CA SER A 666 -7.70 25.04 0.00
C SER A 666 -8.45 25.94 0.97
N ARG A 667 -9.26 26.83 0.40
CA ARG A 667 -10.00 27.84 1.15
C ARG A 667 -11.32 28.15 0.46
N PRO A 668 -12.44 28.12 1.17
CA PRO A 668 -13.70 28.57 0.60
C PRO A 668 -13.97 30.04 0.86
N ILE A 669 -14.76 30.63 -0.03
CA ILE A 669 -15.11 32.04 0.01
C ILE A 669 -16.62 32.17 -0.14
N ALA A 670 -17.24 32.93 0.77
CA ALA A 670 -18.65 33.29 0.71
C ALA A 670 -19.59 32.08 0.69
N ASP A 671 -19.13 30.94 1.22
CA ASP A 671 -19.91 29.70 1.33
C ASP A 671 -20.32 29.13 -0.02
N ARG A 672 -19.85 29.70 -1.13
CA ARG A 672 -20.17 29.19 -2.46
C ARG A 672 -18.96 28.97 -3.36
N TRP A 673 -17.85 29.67 -3.14
CA TRP A 673 -16.64 29.51 -3.93
C TRP A 673 -15.64 28.64 -3.18
N SER A 674 -14.88 27.85 -3.92
CA SER A 674 -13.81 27.04 -3.34
C SER A 674 -12.57 27.22 -4.20
N ILE A 675 -11.45 27.54 -3.55
CA ILE A 675 -10.16 27.74 -4.21
C ILE A 675 -9.20 26.68 -3.70
N VAL A 676 -8.52 26.01 -4.62
CA VAL A 676 -7.61 24.92 -4.31
C VAL A 676 -6.31 25.14 -5.08
N GLY A 677 -5.19 24.93 -4.40
CA GLY A 677 -3.90 25.05 -5.05
C GLY A 677 -2.93 23.99 -4.54
N ALA A 678 -1.99 23.64 -5.39
CA ALA A 678 -0.96 22.66 -5.03
C ALA A 678 0.29 22.93 -5.85
N TYR A 679 1.45 22.78 -5.21
CA TYR A 679 2.74 23.02 -5.85
C TYR A 679 3.76 22.04 -5.30
N TYR A 680 4.27 21.16 -6.15
CA TYR A 680 5.29 20.19 -5.78
C TYR A 680 6.54 20.48 -6.57
N TYR A 681 7.65 20.69 -5.85
CA TYR A 681 8.89 21.26 -6.37
C TYR A 681 10.07 20.37 -5.99
N ASP A 682 10.97 20.14 -6.94
CA ASP A 682 12.14 19.30 -6.73
C ASP A 682 13.35 20.18 -6.48
N THR A 683 14.03 19.96 -5.35
CA THR A 683 15.13 20.84 -4.95
C THR A 683 16.47 20.43 -5.55
N ASN A 684 16.62 19.19 -5.99
CA ASN A 684 17.87 18.79 -6.64
C ASN A 684 18.04 19.51 -7.97
N ALA A 685 17.03 19.46 -8.82
CA ALA A 685 17.08 20.10 -10.13
C ALA A 685 16.59 21.53 -10.10
N ASN A 686 16.02 21.99 -8.98
CA ASN A 686 15.41 23.32 -8.88
C ASN A 686 14.34 23.51 -9.95
N LYS A 687 13.57 22.46 -10.21
CA LYS A 687 12.55 22.46 -11.23
C LYS A 687 11.21 22.04 -10.64
N GLN A 688 10.14 22.58 -11.22
CA GLN A 688 8.80 22.17 -10.83
C GLN A 688 8.54 20.72 -11.23
N ALA A 689 7.81 20.01 -10.37
CA ALA A 689 7.34 18.67 -10.68
C ALA A 689 5.85 18.65 -10.98
N ASP A 690 5.04 19.33 -10.16
CA ASP A 690 3.61 19.35 -10.35
C ASP A 690 3.04 20.67 -9.84
N SER A 691 1.95 21.11 -10.46
CA SER A 691 1.28 22.34 -10.05
C SER A 691 -0.18 22.26 -10.47
N MET A 692 -1.07 22.71 -9.59
CA MET A 692 -2.49 22.59 -9.84
C MET A 692 -3.24 23.75 -9.20
N LEU A 693 -4.22 24.28 -9.93
CA LEU A 693 -5.17 25.25 -9.43
C LEU A 693 -6.59 24.80 -9.73
N GLY A 694 -7.52 25.16 -8.86
CA GLY A 694 -8.90 24.78 -9.05
C GLY A 694 -9.87 25.75 -8.41
N VAL A 695 -10.87 26.18 -9.18
CA VAL A 695 -11.88 27.10 -8.69
C VAL A 695 -13.24 26.48 -8.95
N GLN A 696 -14.05 26.33 -7.91
CA GLN A 696 -15.39 25.79 -8.08
C GLN A 696 -16.42 26.74 -7.50
N TYR A 697 -17.45 27.04 -8.28
CA TYR A 697 -18.61 27.79 -7.83
C TYR A 697 -19.79 26.83 -7.72
N SER A 698 -20.33 26.69 -6.51
CA SER A 698 -21.40 25.75 -6.22
C SER A 698 -22.69 26.51 -5.98
N SER A 699 -23.76 26.05 -6.61
CA SER A 699 -25.10 26.63 -6.45
C SER A 699 -26.06 25.56 -5.96
N CYS A 700 -27.33 25.94 -5.82
CA CYS A 700 -28.33 25.01 -5.33
C CYS A 700 -28.57 23.88 -6.32
N CYS A 701 -28.58 24.18 -7.62
CA CYS A 701 -28.92 23.18 -8.63
C CYS A 701 -27.77 22.84 -9.58
N TYR A 702 -26.64 23.51 -9.48
CA TYR A 702 -25.53 23.24 -10.40
C TYR A 702 -24.23 23.67 -9.77
N ALA A 703 -23.13 23.16 -10.33
CA ALA A 703 -21.78 23.50 -9.89
C ALA A 703 -20.87 23.57 -11.10
N ILE A 704 -19.99 24.58 -11.11
CA ILE A 704 -19.04 24.80 -12.20
C ILE A 704 -17.63 24.72 -11.62
N ARG A 705 -16.79 23.89 -12.24
CA ARG A 705 -15.42 23.69 -11.81
C ARG A 705 -14.47 24.02 -12.94
N VAL A 706 -13.43 24.79 -12.64
CA VAL A 706 -12.35 25.10 -13.59
C VAL A 706 -11.04 24.64 -12.98
N GLY A 707 -10.32 23.81 -13.72
CA GLY A 707 -9.08 23.24 -13.21
C GLY A 707 -7.92 23.42 -14.16
N TYR A 708 -6.76 23.75 -13.60
CA TYR A 708 -5.53 23.91 -14.35
C TYR A 708 -4.45 23.05 -13.71
N GLU A 709 -3.64 22.41 -14.54
CA GLU A 709 -2.55 21.57 -14.04
C GLU A 709 -1.38 21.60 -15.01
N ARG A 710 -0.18 21.74 -14.44
CA ARG A 710 1.07 21.58 -15.17
C ARG A 710 1.87 20.50 -14.47
N LYS A 711 2.19 19.43 -15.20
CA LYS A 711 2.78 18.25 -14.59
C LYS A 711 3.95 17.74 -15.40
N LEU A 712 4.87 17.05 -14.73
CA LEU A 712 5.85 16.25 -15.45
C LEU A 712 5.13 15.13 -16.20
N ASN A 713 5.48 14.94 -17.47
CA ASN A 713 4.76 13.98 -18.30
C ASN A 713 5.67 13.08 -19.13
N GLY A 714 6.97 13.25 -19.09
CA GLY A 714 7.85 12.38 -19.85
C GLY A 714 9.26 12.91 -19.84
N TRP A 715 10.12 12.20 -20.56
CA TRP A 715 11.53 12.55 -20.68
C TRP A 715 11.93 12.58 -22.15
N ASP A 716 12.69 13.60 -22.51
CA ASP A 716 13.19 13.76 -23.88
C ASP A 716 14.59 13.18 -23.94
N ASN A 717 14.73 12.01 -24.59
CA ASN A 717 16.02 11.36 -24.65
C ASN A 717 17.01 12.06 -25.57
N ASP A 718 16.51 12.90 -26.48
CA ASP A 718 17.41 13.59 -27.40
C ASP A 718 18.15 14.73 -26.71
N LYS A 719 17.40 15.67 -26.12
CA LYS A 719 17.99 16.84 -25.49
C LYS A 719 18.18 16.66 -23.99
N GLN A 720 17.83 15.50 -23.44
CA GLN A 720 18.11 15.17 -22.04
C GLN A 720 17.47 16.17 -21.07
N HIS A 721 16.17 16.40 -21.24
CA HIS A 721 15.42 17.23 -20.32
C HIS A 721 13.99 16.70 -20.22
N ALA A 722 13.30 17.13 -19.18
CA ALA A 722 11.96 16.63 -18.91
C ALA A 722 10.93 17.29 -19.82
N VAL A 723 9.77 16.65 -19.93
CA VAL A 723 8.66 17.13 -20.72
C VAL A 723 7.53 17.51 -19.77
N TYR A 724 6.89 18.64 -20.03
CA TYR A 724 5.82 19.14 -19.20
C TYR A 724 4.52 19.18 -19.99
N ASP A 725 3.41 18.88 -19.30
CA ASP A 725 2.08 18.89 -19.90
C ASP A 725 1.19 19.86 -19.15
N ASN A 726 0.45 20.68 -19.90
CA ASN A 726 -0.47 21.66 -19.35
C ASN A 726 -1.90 21.30 -19.74
N ALA A 727 -2.83 21.51 -18.82
CA ALA A 727 -4.22 21.18 -19.06
C ALA A 727 -5.12 22.16 -18.31
N ILE A 728 -6.01 22.83 -19.03
CA ILE A 728 -7.00 23.72 -18.43
C ILE A 728 -8.39 23.28 -18.91
N GLY A 729 -9.22 22.85 -17.98
CA GLY A 729 -10.52 22.30 -18.33
C GLY A 729 -11.63 22.90 -17.49
N PHE A 730 -12.84 22.84 -18.05
CA PHE A 730 -14.03 23.30 -17.35
C PHE A 730 -15.08 22.19 -17.36
N ASN A 731 -15.82 22.08 -16.26
CA ASN A 731 -16.85 21.05 -16.13
C ASN A 731 -18.04 21.64 -15.40
N ILE A 732 -19.23 21.15 -15.73
CA ILE A 732 -20.47 21.58 -15.10
C ILE A 732 -21.25 20.34 -14.70
N GLU A 733 -21.72 20.32 -13.46
CA GLU A 733 -22.54 19.22 -12.96
C GLU A 733 -23.85 19.76 -12.39
N LEU A 734 -24.88 18.92 -12.39
CA LEU A 734 -26.21 19.31 -11.97
C LEU A 734 -26.45 18.84 -10.54
N ARG A 735 -26.84 19.77 -9.67
CA ARG A 735 -27.12 19.50 -8.27
C ARG A 735 -28.62 19.45 -8.05
N GLY A 736 -29.03 19.35 -6.78
CA GLY A 736 -30.42 19.44 -6.39
C GLY A 736 -31.16 18.12 -6.31
N LEU A 737 -30.65 17.07 -6.94
CA LEU A 737 -31.28 15.76 -6.90
C LEU A 737 -30.71 14.86 -5.82
N SER A 738 -29.74 15.34 -5.04
CA SER A 738 -29.12 14.55 -3.98
C SER A 738 -28.81 15.48 -2.81
N SER A 739 -28.14 14.95 -1.80
CA SER A 739 -27.75 15.70 -0.62
C SER A 739 -26.33 16.25 -0.71
N ASN A 740 -25.68 16.12 -1.87
CA ASN A 740 -24.30 16.56 -2.03
C ASN A 740 -24.28 18.09 -2.13
N TYR A 741 -24.16 18.73 -0.96
CA TYR A 741 -24.04 20.18 -0.89
C TYR A 741 -22.59 20.62 -0.70
N GLY A 742 -21.64 19.71 -0.86
CA GLY A 742 -20.25 20.05 -0.68
C GLY A 742 -19.73 21.00 -1.74
N LEU A 743 -18.63 21.67 -1.42
CA LEU A 743 -18.00 22.62 -2.32
C LEU A 743 -17.00 21.99 -3.27
N GLY A 744 -16.83 20.67 -3.21
CA GLY A 744 -15.96 19.99 -4.14
C GLY A 744 -14.48 20.14 -3.86
N THR A 745 -14.10 20.56 -2.65
CA THR A 745 -12.69 20.76 -2.34
C THR A 745 -11.92 19.44 -2.39
N GLN A 746 -12.46 18.40 -1.75
CA GLN A 746 -11.76 17.12 -1.67
C GLN A 746 -11.58 16.50 -3.05
N GLU A 747 -12.59 16.62 -3.92
CA GLU A 747 -12.48 16.08 -5.27
C GLU A 747 -11.40 16.79 -6.07
N MET A 748 -11.30 18.11 -5.92
CA MET A 748 -10.24 18.85 -6.61
C MET A 748 -8.87 18.51 -6.04
N LEU A 749 -8.78 18.23 -4.74
CA LEU A 749 -7.51 17.87 -4.12
C LEU A 749 -6.93 16.57 -4.67
N ARG A 750 -7.75 15.73 -5.32
CA ARG A 750 -7.31 14.43 -5.81
C ARG A 750 -7.17 14.39 -7.33
N SER A 751 -7.05 15.55 -7.98
CA SER A 751 -7.09 15.63 -9.43
C SER A 751 -5.72 15.76 -10.08
N ASN A 752 -4.63 15.67 -9.31
CA ASN A 752 -3.29 15.80 -9.86
C ASN A 752 -2.52 14.50 -9.69
N ILE A 753 -1.32 14.46 -10.25
CA ILE A 753 -0.48 13.26 -10.21
C ILE A 753 0.11 12.99 -8.84
N LEU A 754 0.04 13.96 -7.93
CA LEU A 754 0.49 13.81 -6.55
C LEU A 754 -0.69 14.19 -5.67
N PRO A 755 -1.68 13.31 -5.54
CA PRO A 755 -2.93 13.69 -4.89
C PRO A 755 -2.77 13.88 -3.39
N TYR A 756 -3.66 14.71 -2.83
CA TYR A 756 -3.62 15.05 -1.42
C TYR A 756 -4.13 13.89 -0.58
N GLN A 757 -3.47 13.68 0.56
CA GLN A 757 -3.92 12.71 1.56
C GLN A 757 -3.99 13.38 2.92
N ASN A 758 -5.06 13.09 3.66
CA ASN A 758 -5.27 13.69 4.96
C ASN A 758 -4.33 13.04 5.99
N THR A 759 -3.49 13.85 6.62
CA THR A 759 -2.60 13.40 7.68
C THR A 759 -3.00 13.94 9.04
N LEU A 760 -4.28 14.30 9.21
CA LEU A 760 -4.80 14.84 10.46
C LEU A 760 -4.06 16.11 10.88
N GLY B 2 9.76 8.93 37.83
CA GLY B 2 8.75 8.15 38.53
C GLY B 2 8.15 7.05 37.68
N TRP B 3 8.99 6.37 36.91
CA TRP B 3 8.52 5.28 36.06
C TRP B 3 8.10 4.08 36.89
N HIS B 4 7.11 3.36 36.38
CA HIS B 4 6.64 2.14 37.01
C HIS B 4 5.98 1.27 35.95
N LEU B 5 5.97 -0.05 36.19
CA LEU B 5 5.34 -0.97 35.26
C LEU B 5 3.85 -0.72 35.20
N ARG B 6 3.28 -0.92 34.01
CA ARG B 6 1.84 -0.71 33.82
C ARG B 6 1.05 -1.69 34.69
N ASP B 7 0.36 -1.17 35.69
CA ASP B 7 -0.41 -1.98 36.61
C ASP B 7 -1.83 -2.26 36.14
N THR B 8 -2.24 -1.68 35.02
CA THR B 8 -3.58 -1.86 34.49
C THR B 8 -3.53 -2.59 33.15
N THR B 9 -4.60 -3.31 32.86
CA THR B 9 -4.70 -4.04 31.60
C THR B 9 -4.88 -3.06 30.44
N GLN B 10 -4.36 -3.45 29.28
CA GLN B 10 -4.54 -2.65 28.07
C GLN B 10 -6.02 -2.49 27.74
N VAL B 11 -6.78 -3.57 27.85
CA VAL B 11 -8.22 -3.52 27.67
C VAL B 11 -8.88 -3.28 29.03
N PRO B 12 -9.80 -2.32 29.13
CA PRO B 12 -10.45 -2.07 30.43
C PRO B 12 -11.17 -3.30 30.94
N SER B 13 -11.24 -3.41 32.27
CA SER B 13 -11.85 -4.59 32.90
C SER B 13 -13.32 -4.72 32.53
N THR B 14 -13.98 -3.60 32.20
CA THR B 14 -15.37 -3.68 31.77
C THR B 14 -15.51 -4.28 30.38
N MET B 15 -14.41 -4.43 29.64
CA MET B 15 -14.43 -4.96 28.29
C MET B 15 -13.68 -6.28 28.17
N LYS B 16 -13.52 -7.01 29.28
CA LYS B 16 -12.86 -8.31 29.22
C LYS B 16 -13.70 -9.35 28.50
N VAL B 17 -15.00 -9.13 28.39
CA VAL B 17 -15.90 -9.98 27.61
C VAL B 17 -16.59 -9.09 26.59
N MET B 18 -16.41 -9.39 25.31
CA MET B 18 -16.92 -8.55 24.25
C MET B 18 -17.55 -9.41 23.16
N ILE B 19 -18.33 -8.74 22.30
CA ILE B 19 -18.90 -9.35 21.10
C ILE B 19 -18.27 -8.66 19.90
N LEU B 20 -17.67 -9.45 19.01
CA LEU B 20 -17.05 -8.93 17.80
C LEU B 20 -18.04 -9.09 16.64
N ASP B 21 -18.44 -7.96 16.06
CA ASP B 21 -19.40 -7.94 14.97
C ASP B 21 -18.81 -7.22 13.76
N SER B 22 -19.10 -7.72 12.58
CA SER B 22 -18.65 -7.10 11.33
C SER B 22 -19.40 -7.74 10.18
N GLY B 23 -19.43 -7.02 9.06
CA GLY B 23 -20.00 -7.57 7.84
C GLY B 23 -19.11 -8.55 7.12
N ASP B 24 -17.83 -8.63 7.51
CA ASP B 24 -16.86 -9.55 6.93
C ASP B 24 -16.17 -10.31 8.06
N PRO B 25 -16.87 -11.26 8.68
CA PRO B 25 -16.27 -11.99 9.82
C PRO B 25 -15.03 -12.78 9.43
N ASN B 26 -14.92 -13.21 8.18
CA ASN B 26 -13.78 -14.00 7.72
C ASN B 26 -12.73 -13.16 7.00
N GLY B 27 -12.86 -11.84 7.03
CA GLY B 27 -11.92 -10.98 6.36
C GLY B 27 -10.63 -10.83 7.13
N PRO B 28 -9.67 -10.14 6.52
CA PRO B 28 -8.36 -9.97 7.18
C PRO B 28 -8.42 -9.05 8.38
N LEU B 29 -9.18 -7.95 8.30
CA LEU B 29 -9.28 -7.04 9.45
C LEU B 29 -9.93 -7.73 10.63
N SER B 30 -10.99 -8.51 10.40
CA SER B 30 -11.64 -9.23 11.48
C SER B 30 -10.68 -10.22 12.13
N ARG B 31 -9.89 -10.92 11.32
CA ARG B 31 -8.91 -11.86 11.87
C ARG B 31 -7.86 -11.14 12.71
N ALA B 32 -7.37 -10.00 12.21
CA ALA B 32 -6.37 -9.24 12.96
C ALA B 32 -6.93 -8.73 14.28
N VAL B 33 -8.15 -8.20 14.26
CA VAL B 33 -8.77 -7.70 15.48
C VAL B 33 -9.02 -8.84 16.47
N ARG B 34 -9.48 -9.99 15.97
CA ARG B 34 -9.70 -11.13 16.85
C ARG B 34 -8.39 -11.60 17.48
N ASN B 35 -7.31 -11.64 16.69
CA ASN B 35 -6.01 -12.02 17.24
C ASN B 35 -5.53 -11.04 18.29
N GLN B 36 -5.68 -9.74 18.02
CA GLN B 36 -5.26 -8.73 19.00
C GLN B 36 -6.07 -8.83 20.29
N LEU B 37 -7.38 -9.06 20.18
CA LEU B 37 -8.20 -9.21 21.37
C LEU B 37 -7.87 -10.49 22.13
N ARG B 38 -7.54 -11.56 21.42
CA ARG B 38 -7.15 -12.80 22.09
C ARG B 38 -5.82 -12.64 22.82
N LEU B 39 -4.89 -11.88 22.24
CA LEU B 39 -3.62 -11.64 22.91
C LEU B 39 -3.79 -10.85 24.21
N ASN B 40 -4.87 -10.08 24.32
CA ASN B 40 -5.13 -9.27 25.50
C ASN B 40 -6.07 -9.94 26.50
N GLY B 41 -6.39 -11.21 26.29
CA GLY B 41 -7.22 -11.94 27.23
C GLY B 41 -8.70 -11.67 27.13
N VAL B 42 -9.16 -11.00 26.09
CA VAL B 42 -10.58 -10.69 25.92
C VAL B 42 -11.31 -11.94 25.45
N GLU B 43 -12.44 -12.22 26.08
CA GLU B 43 -13.28 -13.36 25.72
C GLU B 43 -14.35 -12.90 24.76
N LEU B 44 -14.42 -13.53 23.58
CA LEU B 44 -15.30 -13.11 22.50
C LEU B 44 -16.52 -14.00 22.45
N LEU B 45 -17.69 -13.38 22.32
CA LEU B 45 -18.95 -14.09 22.16
C LEU B 45 -19.52 -13.82 20.77
N ASP B 46 -20.52 -14.62 20.41
CA ASP B 46 -21.21 -14.46 19.14
C ASP B 46 -22.27 -13.37 19.24
N LYS B 47 -22.77 -12.96 18.08
CA LYS B 47 -23.78 -11.90 18.05
C LYS B 47 -25.12 -12.37 18.62
N GLU B 48 -25.39 -13.66 18.54
CA GLU B 48 -26.67 -14.21 18.98
C GLU B 48 -26.66 -14.66 20.43
N THR B 49 -25.61 -14.37 21.18
CA THR B 49 -25.53 -14.80 22.57
C THR B 49 -26.64 -14.15 23.39
N THR B 50 -27.10 -14.87 24.40
CA THR B 50 -28.17 -14.41 25.27
C THR B 50 -27.67 -13.56 26.43
N ARG B 51 -26.35 -13.41 26.56
CA ARG B 51 -25.79 -12.63 27.66
C ARG B 51 -25.96 -11.14 27.38
N LYS B 52 -26.44 -10.40 28.37
CA LYS B 52 -26.61 -8.97 28.28
C LYS B 52 -25.53 -8.26 29.09
N ASP B 53 -25.54 -6.92 29.01
CA ASP B 53 -24.56 -6.07 29.68
C ASP B 53 -23.14 -6.39 29.22
N VAL B 54 -22.99 -6.81 27.97
CA VAL B 54 -21.70 -7.11 27.38
C VAL B 54 -21.44 -6.10 26.26
N PRO B 55 -20.34 -5.36 26.30
CA PRO B 55 -20.08 -4.38 25.23
C PRO B 55 -19.83 -5.06 23.90
N SER B 56 -20.18 -4.36 22.83
CA SER B 56 -20.05 -4.89 21.48
C SER B 56 -19.11 -4.02 20.66
N LEU B 57 -18.32 -4.66 19.80
CA LEU B 57 -17.40 -3.95 18.90
C LEU B 57 -17.81 -4.29 17.47
N ARG B 58 -18.28 -3.28 16.74
CA ARG B 58 -18.73 -3.46 15.36
C ARG B 58 -17.72 -2.81 14.43
N LEU B 59 -17.15 -3.61 13.53
CA LEU B 59 -16.17 -3.12 12.58
C LEU B 59 -16.88 -2.57 11.34
N GLY B 60 -16.54 -1.35 10.96
CA GLY B 60 -17.16 -0.70 9.82
C GLY B 60 -16.43 -0.95 8.53
N LYS B 61 -16.40 0.07 7.67
CA LYS B 61 -15.78 -0.06 6.35
C LYS B 61 -14.27 0.17 6.45
N VAL B 62 -13.54 -0.48 5.54
CA VAL B 62 -12.09 -0.38 5.47
C VAL B 62 -11.72 0.17 4.11
N SER B 63 -10.92 1.24 4.09
CA SER B 63 -10.47 1.87 2.86
C SER B 63 -8.96 1.72 2.74
N ILE B 64 -8.51 1.16 1.63
CA ILE B 64 -7.10 1.04 1.32
C ILE B 64 -6.83 1.84 0.05
N ALA B 65 -5.96 2.83 0.14
CA ALA B 65 -5.67 3.70 -0.98
C ALA B 65 -4.18 3.72 -1.25
N LYS B 66 -3.79 3.51 -2.51
CA LYS B 66 -2.41 3.61 -2.94
C LYS B 66 -2.28 4.80 -3.87
N ASP B 67 -1.40 5.75 -3.52
CA ASP B 67 -1.20 6.95 -4.30
C ASP B 67 0.30 7.15 -4.54
N THR B 68 0.62 8.09 -5.42
CA THR B 68 2.00 8.42 -5.71
C THR B 68 2.45 9.52 -4.76
N ALA B 69 3.46 9.22 -3.93
CA ALA B 69 3.98 10.21 -3.00
C ALA B 69 5.06 11.08 -3.61
N SER B 70 5.88 10.53 -4.49
CA SER B 70 6.93 11.30 -5.14
C SER B 70 7.15 10.74 -6.54
N VAL B 71 7.74 11.56 -7.42
CA VAL B 71 7.98 11.18 -8.80
C VAL B 71 9.44 11.45 -9.14
N PHE B 72 9.93 10.75 -10.16
CA PHE B 72 11.26 10.96 -10.67
C PHE B 72 11.28 12.18 -11.59
N ARG B 73 12.42 12.45 -12.22
CA ARG B 73 12.54 13.63 -13.07
C ARG B 73 11.71 13.50 -14.34
N ASN B 74 11.29 12.30 -14.71
CA ASN B 74 10.47 12.07 -15.90
C ASN B 74 9.00 11.94 -15.57
N GLY B 75 8.61 12.14 -14.32
CA GLY B 75 7.22 12.03 -13.91
C GLY B 75 6.76 10.65 -13.53
N GLN B 76 7.63 9.64 -13.62
CA GLN B 76 7.26 8.29 -13.20
C GLN B 76 7.27 8.20 -11.68
N THR B 77 6.37 7.37 -11.14
CA THR B 77 6.25 7.21 -9.71
C THR B 77 7.56 6.69 -9.12
N ALA B 78 8.02 7.36 -8.05
CA ALA B 78 9.16 6.89 -7.28
C ALA B 78 8.73 6.10 -6.06
N GLU B 79 7.90 6.72 -5.21
CA GLU B 79 7.41 6.08 -4.00
C GLU B 79 5.89 6.03 -4.01
N TYR B 80 5.35 4.92 -3.51
CA TYR B 80 3.91 4.74 -3.35
C TYR B 80 3.56 4.84 -1.88
N GLN B 81 2.56 5.67 -1.58
CA GLN B 81 2.03 5.86 -0.24
C GLN B 81 0.74 5.06 -0.13
N MET B 82 0.70 4.13 0.81
CA MET B 82 -0.48 3.33 1.10
C MET B 82 -1.09 3.83 2.40
N ILE B 83 -2.40 4.08 2.38
CA ILE B 83 -3.14 4.57 3.52
C ILE B 83 -4.29 3.63 3.79
N MET B 84 -4.37 3.13 5.02
CA MET B 84 -5.45 2.27 5.46
C MET B 84 -6.27 3.02 6.51
N THR B 85 -7.56 3.17 6.25
CA THR B 85 -8.48 3.82 7.16
C THR B 85 -9.53 2.81 7.58
N VAL B 86 -9.67 2.61 8.89
CA VAL B 86 -10.63 1.67 9.46
C VAL B 86 -11.54 2.42 10.41
N ASN B 87 -12.85 2.23 10.25
CA ASN B 87 -13.84 2.81 11.14
C ASN B 87 -14.51 1.70 11.93
N ALA B 88 -14.80 1.95 13.20
CA ALA B 88 -15.46 0.99 14.06
C ALA B 88 -16.28 1.73 15.08
N THR B 89 -17.19 1.00 15.74
CA THR B 89 -18.01 1.55 16.79
C THR B 89 -17.99 0.60 17.98
N VAL B 90 -18.10 1.15 19.18
CA VAL B 90 -18.17 0.37 20.41
C VAL B 90 -19.48 0.72 21.08
N LEU B 91 -20.38 -0.24 21.17
CA LEU B 91 -21.66 -0.06 21.84
C LEU B 91 -21.54 -0.55 23.27
N ILE B 92 -21.67 0.38 24.22
CA ILE B 92 -21.77 0.03 25.64
C ILE B 92 -23.25 -0.19 25.94
N PRO B 93 -23.64 -1.38 26.41
CA PRO B 93 -25.08 -1.70 26.53
C PRO B 93 -25.82 -0.74 27.46
N GLY B 94 -26.76 0.01 26.89
CA GLY B 94 -27.57 0.92 27.67
C GLY B 94 -27.05 2.35 27.71
N ARG B 95 -25.72 2.51 27.68
CA ARG B 95 -25.14 3.83 27.84
C ARG B 95 -25.11 4.61 26.53
N ASP B 96 -24.33 4.15 25.55
CA ASP B 96 -24.13 4.89 24.31
C ASP B 96 -23.36 4.05 23.31
N ILE B 97 -23.08 4.65 22.16
CA ILE B 97 -22.16 4.11 21.17
C ILE B 97 -21.06 5.14 20.95
N TYR B 98 -19.83 4.66 20.77
CA TYR B 98 -18.67 5.52 20.60
C TYR B 98 -17.94 5.14 19.34
N PRO B 99 -17.77 6.06 18.39
CA PRO B 99 -17.01 5.75 17.17
C PRO B 99 -15.51 5.88 17.40
N ILE B 100 -14.76 4.98 16.77
CA ILE B 100 -13.30 5.01 16.80
C ILE B 100 -12.79 4.76 15.38
N SER B 101 -11.56 5.19 15.12
CA SER B 101 -10.98 5.06 13.81
C SER B 101 -9.49 4.81 13.93
N ALA B 102 -8.92 4.22 12.88
CA ALA B 102 -7.49 3.97 12.81
C ALA B 102 -7.00 4.34 11.42
N LYS B 103 -5.87 5.04 11.36
CA LYS B 103 -5.24 5.39 10.10
C LYS B 103 -3.79 4.94 10.12
N VAL B 104 -3.41 4.17 9.11
CA VAL B 104 -2.07 3.59 9.01
C VAL B 104 -1.45 4.04 7.69
N PHE B 105 -0.22 4.55 7.76
CA PHE B 105 0.51 4.99 6.59
C PHE B 105 1.73 4.11 6.36
N ARG B 106 1.95 3.72 5.11
CA ARG B 106 3.13 2.97 4.72
C ARG B 106 3.63 3.50 3.39
N SER B 107 4.91 3.26 3.10
CA SER B 107 5.49 3.71 1.85
C SER B 107 6.41 2.64 1.31
N PHE B 108 6.46 2.54 -0.02
CA PHE B 108 7.39 1.61 -0.64
C PHE B 108 7.76 2.11 -2.04
N PHE B 109 9.01 1.86 -2.44
CA PHE B 109 9.47 2.29 -3.74
C PHE B 109 9.03 1.32 -4.83
N ASP B 110 8.74 1.87 -6.01
CA ASP B 110 8.27 1.08 -7.13
C ASP B 110 9.43 0.64 -8.01
N ASN B 111 9.29 -0.53 -8.62
CA ASN B 111 10.30 -1.07 -9.53
C ASN B 111 9.57 -1.85 -10.63
N PRO B 112 9.37 -1.23 -11.80
CA PRO B 112 8.69 -1.95 -12.89
C PRO B 112 9.39 -3.23 -13.31
N GLN B 113 10.73 -3.22 -13.34
CA GLN B 113 11.47 -4.39 -13.80
C GLN B 113 11.21 -5.60 -12.93
N MET B 114 10.81 -5.40 -11.69
CA MET B 114 10.43 -6.47 -10.77
C MET B 114 8.99 -6.31 -10.32
N ALA B 115 8.12 -5.94 -11.26
CA ALA B 115 6.74 -5.62 -10.92
C ALA B 115 6.08 -6.72 -10.10
N LEU B 116 6.17 -7.96 -10.56
CA LEU B 116 5.61 -9.09 -9.82
C LEU B 116 6.11 -9.09 -8.38
N ALA B 117 7.43 -9.00 -8.20
CA ALA B 117 7.98 -8.92 -6.85
C ALA B 117 7.34 -7.80 -6.06
N LYS B 118 7.28 -6.60 -6.67
CA LYS B 118 6.66 -5.46 -5.98
C LYS B 118 5.25 -5.81 -5.54
N ASP B 119 4.48 -6.46 -6.42
CA ASP B 119 3.12 -6.82 -6.06
C ASP B 119 3.11 -7.64 -4.78
N ASN B 120 3.96 -8.67 -4.71
CA ASN B 120 4.02 -9.47 -3.49
C ASN B 120 4.36 -8.60 -2.30
N GLU B 121 5.35 -7.71 -2.45
CA GLU B 121 5.69 -6.80 -1.36
C GLU B 121 4.46 -6.02 -0.93
N GLN B 122 3.71 -5.49 -1.90
CA GLN B 122 2.50 -4.75 -1.57
C GLN B 122 1.57 -5.59 -0.70
N ASP B 123 1.35 -6.85 -1.11
CA ASP B 123 0.50 -7.72 -0.31
C ASP B 123 1.02 -7.81 1.12
N MET B 124 2.33 -8.04 1.27
CA MET B 124 2.92 -8.11 2.60
C MET B 124 2.60 -6.86 3.39
N ILE B 125 2.78 -5.69 2.78
CA ILE B 125 2.51 -4.44 3.47
C ILE B 125 1.07 -4.41 3.96
N VAL B 126 0.14 -4.80 3.09
CA VAL B 126 -1.27 -4.80 3.49
C VAL B 126 -1.46 -5.73 4.68
N LYS B 127 -0.85 -6.92 4.61
CA LYS B 127 -0.96 -7.87 5.72
C LYS B 127 -0.47 -7.26 7.02
N GLU B 128 0.57 -6.41 6.95
CA GLU B 128 1.03 -5.75 8.16
C GLU B 128 0.08 -4.63 8.58
N MET B 129 -0.44 -3.88 7.61
CA MET B 129 -1.23 -2.69 7.94
C MET B 129 -2.44 -3.04 8.79
N TYR B 130 -3.16 -4.09 8.40
CA TYR B 130 -4.29 -4.55 9.20
C TYR B 130 -3.88 -4.73 10.65
N ASP B 131 -2.77 -5.45 10.87
CA ASP B 131 -2.28 -5.64 12.24
C ASP B 131 -2.14 -4.31 12.95
N ARG B 132 -1.43 -3.36 12.32
CA ARG B 132 -1.27 -2.05 12.94
C ARG B 132 -2.62 -1.43 13.25
N ALA B 133 -3.54 -1.48 12.29
CA ALA B 133 -4.87 -0.93 12.52
C ALA B 133 -5.50 -1.55 13.75
N ALA B 134 -5.43 -2.89 13.85
CA ALA B 134 -6.02 -3.56 15.00
C ALA B 134 -5.42 -3.01 16.29
N GLU B 135 -4.08 -2.90 16.34
CA GLU B 135 -3.44 -2.36 17.53
C GLU B 135 -4.01 -0.99 17.86
N GLN B 136 -4.12 -0.12 16.86
CA GLN B 136 -4.64 1.21 17.11
C GLN B 136 -6.02 1.14 17.75
N LEU B 137 -6.89 0.26 17.23
CA LEU B 137 -8.22 0.13 17.80
C LEU B 137 -8.15 -0.24 19.27
N ILE B 138 -7.28 -1.20 19.61
CA ILE B 138 -7.15 -1.58 21.01
C ILE B 138 -6.68 -0.39 21.83
N ARG B 139 -5.76 0.40 21.30
CA ARG B 139 -5.25 1.55 22.04
C ARG B 139 -6.31 2.62 22.28
N LYS B 140 -7.43 2.56 21.56
CA LYS B 140 -8.52 3.51 21.79
C LYS B 140 -9.60 2.95 22.70
N LEU B 141 -9.46 1.70 23.17
CA LEU B 141 -10.44 1.16 24.10
C LEU B 141 -10.46 1.89 25.44
N PRO B 142 -9.32 2.19 26.10
CA PRO B 142 -9.41 2.90 27.38
C PRO B 142 -10.11 4.25 27.29
N SER B 143 -9.88 5.01 26.21
CA SER B 143 -10.48 6.33 26.11
C SER B 143 -12.00 6.25 26.14
N ILE B 144 -12.57 5.27 25.42
CA ILE B 144 -14.02 5.04 25.48
C ILE B 144 -14.45 4.83 26.93
N ARG B 145 -13.69 4.02 27.68
CA ARG B 145 -13.99 3.82 29.09
C ARG B 145 -14.03 5.15 29.82
N ALA B 146 -13.06 6.02 29.56
CA ALA B 146 -13.08 7.35 30.17
C ALA B 146 -14.33 8.12 29.74
N ALA B 147 -14.68 8.04 28.47
CA ALA B 147 -15.91 8.70 28.01
C ALA B 147 -17.13 8.10 28.67
N ASP B 148 -17.05 6.84 29.11
CA ASP B 148 -18.16 6.23 29.81
C ASP B 148 -18.30 6.76 31.23
N ILE B 149 -17.22 7.28 31.80
CA ILE B 149 -17.25 7.70 33.20
C ILE B 149 -17.73 9.13 33.34
N ARG B 150 -17.17 10.04 32.52
CA ARG B 150 -17.52 11.45 32.63
C ARG B 150 -18.91 11.76 32.11
N SER B 151 -19.56 10.82 31.43
CA SER B 151 -20.91 11.03 30.94
C SER B 151 -21.93 10.89 32.06
N ALA C 1 23.50 -40.16 2.56
CA ALA C 1 22.07 -39.94 2.66
C ALA C 1 21.76 -38.59 3.31
N CYS C 2 22.78 -37.73 3.36
CA CYS C 2 22.65 -36.40 3.96
C CYS C 2 22.29 -35.33 2.95
N ASP C 3 22.21 -35.68 1.66
CA ASP C 3 22.10 -34.63 0.64
C ASP C 3 20.82 -33.81 0.77
N PRO C 4 19.62 -34.39 0.90
CA PRO C 4 18.44 -33.55 1.12
C PRO C 4 18.18 -33.26 2.59
N TRP C 5 18.62 -34.17 3.47
CA TRP C 5 18.17 -34.18 4.85
C TRP C 5 19.03 -33.35 5.79
N TRP C 6 20.21 -32.89 5.35
CA TRP C 6 20.97 -31.97 6.17
C TRP C 6 20.29 -30.61 6.29
N GLN C 7 19.35 -30.31 5.38
CA GLN C 7 18.74 -28.99 5.34
C GLN C 7 17.99 -28.65 6.62
N PHE C 8 17.50 -29.68 7.33
CA PHE C 8 16.73 -29.44 8.55
C PHE C 8 17.60 -29.08 9.75
N ASN C 9 18.92 -29.16 9.63
CA ASN C 9 19.79 -28.76 10.71
C ASN C 9 19.82 -27.24 10.86
N TRP C 10 20.28 -26.79 12.02
CA TRP C 10 20.38 -25.37 12.31
C TRP C 10 21.73 -24.77 11.92
N CYS C 11 22.63 -25.57 11.35
CA CYS C 11 23.93 -25.06 10.95
C CYS C 11 23.84 -24.39 9.58
N ASP C 12 24.87 -23.59 9.28
CA ASP C 12 24.96 -22.97 7.97
C ASP C 12 25.44 -23.99 6.93
N GLN C 13 25.21 -23.66 5.65
CA GLN C 13 25.55 -24.58 4.58
C GLN C 13 27.05 -24.80 4.45
N ASP C 14 27.82 -23.79 4.86
CA ASP C 14 29.29 -23.86 4.76
C ASP C 14 29.89 -24.05 6.16
N HIS C 15 29.23 -24.82 7.02
CA HIS C 15 29.71 -24.95 8.41
C HIS C 15 30.34 -26.33 8.65
N CYS C 16 29.84 -27.08 9.63
CA CYS C 16 30.43 -28.39 10.01
C CYS C 16 31.89 -28.19 10.48
N ALA C 17 32.67 -29.28 10.55
CA ALA C 17 34.09 -29.22 10.97
C ALA C 17 34.23 -28.63 12.38
N NH2 C 18 34.27 -29.49 13.38
C1B LMT D . 9.50 27.83 -15.18
C2B LMT D . 10.85 28.28 -15.78
C3B LMT D . 11.93 28.41 -14.69
C4B LMT D . 11.44 27.85 -13.33
C5B LMT D . 10.74 26.51 -13.62
C6B LMT D . 10.37 25.83 -12.31
O1B LMT D . 8.58 27.67 -16.21
O2B LMT D . 11.20 27.34 -16.72
O3B LMT D . 12.38 29.70 -14.59
O4' LMT D . 12.50 27.64 -12.48
O5B LMT D . 9.61 26.64 -14.45
O6B LMT D . 9.06 26.07 -12.01
C1' LMT D . 4.57 28.04 -15.51
C2' LMT D . 5.02 28.43 -16.93
C3' LMT D . 6.43 27.87 -17.19
C4' LMT D . 7.45 28.51 -16.24
C5' LMT D . 6.83 28.55 -14.81
C6' LMT D . 6.63 29.93 -14.22
O1' LMT D . 3.85 29.05 -14.91
O2' LMT D . 4.16 27.85 -17.82
O3' LMT D . 6.80 28.08 -18.48
O5' LMT D . 5.69 27.71 -14.67
O6' LMT D . 6.66 29.77 -12.86
C1 LMT D . 2.59 28.66 -14.44
C2 LMT D . 2.53 29.15 -13.03
C3 LMT D . 2.80 28.13 -11.97
C4 LMT D . 1.49 27.51 -11.59
C5 LMT D . 0.76 28.36 -10.60
C6 LMT D . 0.01 27.54 -9.60
C7 LMT D . 0.83 27.35 -8.36
C8 LMT D . 0.19 28.11 -7.24
C9 LMT D . -0.59 27.26 -6.29
C10 LMT D . 0.19 27.22 -5.00
C11 LMT D . -0.52 26.43 -3.95
C12 LMT D . 0.11 26.57 -2.61
C1B LMT E . 20.91 15.76 2.75
C2B LMT E . 22.04 14.72 2.78
C3B LMT E . 23.37 15.37 2.38
C4B LMT E . 23.20 16.20 1.09
C5B LMT E . 22.09 17.24 1.33
C6B LMT E . 21.10 17.22 0.18
O1B LMT E . 20.20 15.72 3.94
O2B LMT E . 22.10 14.25 4.07
O3B LMT E . 24.38 14.43 2.27
O4' LMT E . 24.37 16.85 0.76
O5B LMT E . 21.43 17.04 2.55
O6B LMT E . 21.74 17.49 -1.00
C1' LMT E . 16.50 15.45 5.60
C2' LMT E . 17.16 14.09 5.37
C3' LMT E . 18.66 14.29 5.01
C4' LMT E . 18.85 15.33 3.90
C5' LMT E . 18.00 16.56 4.31
C6' LMT E . 18.11 17.75 3.39
O1' LMT E . 15.17 15.31 5.81
O2' LMT E . 17.08 13.38 6.54
O3' LMT E . 19.22 13.11 4.63
O5' LMT E . 16.66 16.21 4.42
O6' LMT E . 17.65 17.32 2.17
C1 LMT E . 14.60 16.30 6.64
C2 LMT E . 13.20 15.82 6.91
C3 LMT E . 13.08 14.44 7.46
C4 LMT E . 13.26 14.53 8.95
C5 LMT E . 11.93 14.50 9.63
C6 LMT E . 11.74 13.23 10.40
C7 LMT E . 12.74 13.15 11.50
C8 LMT E . 12.09 12.59 12.71
C9 LMT E . 11.87 11.11 12.66
C10 LMT E . 11.29 10.71 13.98
C11 LMT E . 12.23 10.98 15.11
C12 LMT E . 13.28 9.93 15.22
C17 A1I1E F . 25.34 -29.21 7.87
C18 A1I1E F . 24.81 -27.79 8.03
C20 A1I1E F . 26.20 -28.83 5.44
C10 A1I1E F . 25.83 -34.01 2.53
C12 A1I1E F . 27.33 -32.03 4.31
C13 A1I1E F . 27.51 -30.86 5.26
C14 A1I1E F . 28.89 -30.54 5.82
C02 A1I1E F . 30.74 -28.83 5.21
C03 A1I1E F . 31.78 -29.42 6.17
C05 A1I1E F . 28.38 -28.87 4.21
C06 A1I1E F . 27.09 -29.63 4.49
C07 A1I1E F . 26.32 -30.15 3.28
C09 A1I1E F . 25.66 -32.49 2.40
C15 A1I1E F . 26.51 -30.97 6.41
N04 A1I1E F . 29.41 -29.39 5.09
N08 A1I1E F . 26.40 -31.61 3.28
N16 A1I1E F . 25.99 -29.63 6.64
O01 A1I1E F . 31.05 -27.89 4.55
O11 A1I1E F . 24.91 -32.05 1.60
O19 A1I1E F . 25.24 -29.97 8.76
#